data_7T6X
#
_entry.id   7T6X
#
loop_
_entity.id
_entity.type
_entity.pdbx_description
1 polymer 'Envelope glycoprotein E2'
2 polymer 'AR4A Fab, heavy chain'
3 polymer 'AR4A, kappa light chain'
4 polymer 'IGH505, heavy chain'
5 polymer 'IGH505, lambda light chain'
6 polymer 'AT12009 crossMab, light kappa chain'
7 polymer 'AT12009 CrossMab, heavy chain'
8 polymer 'Envelope glycoprotein E1'
9 branched 2-acetamido-2-deoxy-beta-D-glucopyranose-(1-4)-2-acetamido-2-deoxy-beta-D-glucopyranose
10 branched beta-D-mannopyranose-(1-4)-2-acetamido-2-deoxy-beta-D-glucopyranose-(1-4)-2-acetamido-2-deoxy-beta-D-glucopyranose
11 branched alpha-D-mannopyranose-(1-6)-alpha-D-mannopyranose-(1-6)-beta-D-mannopyranose-(1-4)-2-acetamido-2-deoxy-beta-D-glucopyranose-(1-4)-2-acetamido-2-deoxy-beta-D-glucopyranose
12 branched alpha-D-mannopyranose-(1-3)-[alpha-D-mannopyranose-(1-6)]beta-D-mannopyranose-(1-4)-2-acetamido-2-deoxy-beta-D-glucopyranose-(1-4)-2-acetamido-2-deoxy-beta-D-glucopyranose
13 non-polymer 2-acetamido-2-deoxy-beta-D-glucopyranose
#
loop_
_entity_poly.entity_id
_entity_poly.type
_entity_poly.pdbx_seq_one_letter_code
_entity_poly.pdbx_strand_id
1 'polypeptide(L)'
;QTYVTGGTAARATSGLANFFSPGAKQDVQLINTNGSWHINRTALNCNTSLETGWIAGLIYLNKFNSSGCPERMASCRPLA
DFAQGWGPISYANGSGPDHRPYCWHYPPKPCGIVSAKSVCGPVYCFTPSPVVVGTTNKLGAPTYSWGENETDVFVLNNTR
PPLGNWFGCTWMNSTGFTKVCGAPPCAIGGVGNNTLHCPTDCFRKHPEATYSRCGSGPWITPRCLVDYPYRLWHYPCTIN
YTRFKVRMYIGGVEHRLDAACNWTRGERCDLEDRDRSELSPLLLSTTQWQVLPCSFTTLPALSTGLIHLHQNIVDVQYLY
GVGSSIVSWAIKWEYVVLLFLLLADARVCSCLWMMLLISQAEA
;
U
2 'polypeptide(L)'
;MGWSCIILFLVATATGVHEVQLLEQSGPEVKKPGDSLRISCKMSGDSLVTTWIGWVRQKPGQGLEWMGIINPGDSSTNIY
PGDSATRYGPSFQGQVTISIDKSTSTAYLQWNNVKASDTGIYYCARHVPVPISGTFLWREREMHDFGYFDDWGQGTLVIV
SSASTKGPSVFPLAPSSKSTSGGTAALGCLVKDYFPEPVTVSWNSGALTSGVHTFPAVLQSSGLYSLSSVVTVPSSSLGT
QTYICNVNHKPSNTKVDKRVEPKSCGGSAWSHPQFEK
;
H
3 'polypeptide(L)'
;MGWSCIILFLVATATGVHELTLTQSPGTLSLSPGERATLSCRASQSVSNNYLAWYQQKPGQAPRLLIYGASSRATGIPDR
FSGSGSGTGFTLIISRLEPEDFAVYYCQQYGSSSITFGQGTRLEIKRTAAAPSVFIFPPSDEQLKSGTASVVCLLNNFYP
REAKVQWKVDNALQSGNSQESVTEQDSKDSTYSLSSTLTLSKADYEKHKVYACEVTHQGLSSPVTKSFNRGEC
;
L
4 'polypeptide(L)'
;MELGLSWLFLVAILAQPAMAQVQFVQSGAEVKKPGASVKVSCKASGYTFTRHAIHWVRQAPGQRLEWMGWINPGNGNAKY
SQKFQGRVTITRDTPASTVYMELSSLRSEDMGVYYCARDGGYSHDYSYFYGLDVWGPGTTVIVSSASTKGPSVFPLAPSS
KSTSGGTAALGCLVKDYFPEPVTVSWNSGALTSGVHTFPAVLQSSGLYSLSSVVTVPSSSLGTQTYICNVNHKPSNTKVD
KRVEPKSCDKTHTCPPCPAPELLGGPSVFLFPPKPKDTLMISRTPEVTCVVVDVSHEDPEVKFNWYVDGVEVHNAKTKPR
EEQYNSTYRVVSVLTVLHQDWLNGKEYKCKVSNKALPAPIEKTISKAKGQPREPQVYTLPPSREEMTKNQVSLTCLVKGF
YPSDIAVEWESNGQPENNYKTTPPVLDSDGSFFLYSKLTVDKSRWQQGNVFSCSVMHEALHNHYTQKSLSLSPGK
;
A
5 'polypeptide(L)'
;METPAQLLFLLLLWLPGSTQSVLTQPPSAASGTPGQRVTISCSGSSSNIGGNFVDWYQQFPGTAPKLLIYTNDQRPSGVP
ARFSGSKSGTSASLAISGLRSEDEADYYCAAWDDIVNGWVFGGGTKLEIKRTAAAPSVTLFPPSSEELQANKATLVCLIS
DFYPGAVTVAWKADSSPVKAGVETTTPSKQSNNKYAASSYLSLTPEQWKSHRSYSCQVTHEGSTVEKTVAPTECS
;
B
6 'polypeptide(L)'
;MGWSCIILFLVATATGVHEIMLTQSPVTLSVSPGERATLSCRASQSIGTNLAWYQKPGQAPRLLIHGASTRATGVPVSFS
GSGSGTEFTLTISSLQSEDFAVYYCQQYNNWPLTFGGGTKVEIKSSASTKGPSVFPLAPSSKSTSGGTAALGCLVKDYFP
EPVTVSWNSGALTSGVHTFPAVLQSSGLYSLSSVVTVPSSSLGTQTYICNVNHKPSNTKVDKRVEPKSC
;
D
7 'polypeptide(L)'
;MGWSCIILFLVATATGVHSQVLVQSGAEVKKPGSSVRVSCKASGDTFKTHAISWVRQAPGQGLEWVGGTVRQAPGDGLEL
LGGFVPILAPANDAQKFQGRVTITADGSTGPVYMDLSTLTSEDTAMYYCVTSLSEPIPRSCRGGRCYSGPFDAFGVWGQG
TLVTVSSASVAAPSVFIFPPSDEQLKSGTASVVCLLNNFYPREAKVQWKVDNALQSGNSQESVTEQDSKDSTYSLSSTLT
LSKADYEKHKVYACEVTHQGLSSPVTKSFNRGEC
;
C
8 'polypeptide(L)'
;YQVRNSTGLYHVTNDCPNSSIVYETADAILHTPGCVPCVREGNASRCWVPMTPTVATRDGKLPATQLRRHIDLLVGSATL
CSALYVGDLCGSVFLVGQLFTFSPRRHWTTQDCNCSIYPGHVTGHRMAWDMMMNWSPTTALVVAQLLRIPQAILDMIAGA
HWGVLAGLAYFSMVGNWAKVLAVLLLFAGVDA
;
E
#
# COMPACT_ATOMS: atom_id res chain seq x y z
N TRP A 37 -26.58 -14.99 -21.18
CA TRP A 37 -25.15 -15.00 -21.47
C TRP A 37 -24.63 -16.44 -21.52
N HIS A 38 -23.68 -16.67 -22.46
CA HIS A 38 -22.99 -17.94 -22.69
C HIS A 38 -21.64 -17.60 -23.27
N ILE A 39 -20.62 -18.38 -22.92
CA ILE A 39 -19.29 -18.12 -23.45
C ILE A 39 -19.18 -18.10 -24.99
N ASN A 40 -20.04 -18.82 -25.75
CA ASN A 40 -19.99 -18.85 -27.21
C ASN A 40 -20.34 -17.47 -27.83
N ARG A 41 -20.69 -16.44 -27.00
CA ARG A 41 -20.94 -15.05 -27.39
C ARG A 41 -19.63 -14.29 -27.43
N THR A 42 -18.52 -14.93 -27.07
CA THR A 42 -17.24 -14.24 -27.09
C THR A 42 -16.44 -14.67 -28.30
N ALA A 43 -16.00 -13.70 -29.09
CA ALA A 43 -15.19 -14.00 -30.24
C ALA A 43 -13.83 -14.47 -29.77
N LEU A 44 -13.28 -15.50 -30.41
CA LEU A 44 -11.95 -15.96 -30.03
C LEU A 44 -11.05 -16.26 -31.23
N ASN A 45 -10.81 -15.27 -32.07
CA ASN A 45 -9.97 -15.46 -33.24
C ASN A 45 -8.59 -14.87 -32.99
N CYS A 46 -7.60 -15.71 -32.58
CA CYS A 46 -6.28 -15.26 -32.13
C CYS A 46 -5.18 -15.85 -33.02
N ASN A 47 -4.51 -14.96 -33.76
CA ASN A 47 -3.53 -15.31 -34.78
C ASN A 47 -2.11 -14.79 -34.47
N THR A 48 -1.14 -15.66 -34.08
CA THR A 48 0.22 -15.20 -33.76
C THR A 48 1.09 -15.10 -34.96
N SER A 49 1.00 -13.97 -35.61
CA SER A 49 1.81 -13.70 -36.78
C SER A 49 3.12 -13.04 -36.34
N LEU A 50 3.12 -12.54 -35.10
CA LEU A 50 4.25 -11.84 -34.54
C LEU A 50 4.19 -11.83 -33.02
N GLU A 51 5.31 -11.47 -32.39
CA GLU A 51 5.32 -11.23 -30.95
C GLU A 51 4.73 -12.37 -30.15
N THR A 52 5.22 -13.55 -30.42
CA THR A 52 4.75 -14.74 -29.80
C THR A 52 4.71 -14.56 -28.29
N GLY A 53 3.58 -14.96 -27.72
CA GLY A 53 3.30 -14.85 -26.31
C GLY A 53 2.27 -13.77 -25.99
N TRP A 54 1.98 -12.87 -26.93
CA TRP A 54 0.97 -11.84 -26.69
C TRP A 54 -0.36 -12.43 -26.20
N ILE A 55 -0.70 -13.57 -26.77
CA ILE A 55 -1.90 -14.35 -26.53
C ILE A 55 -1.98 -14.88 -25.11
N ALA A 56 -0.85 -14.95 -24.44
CA ALA A 56 -0.77 -15.48 -23.10
C ALA A 56 -1.66 -14.73 -22.15
N GLY A 57 -1.81 -13.43 -22.37
CA GLY A 57 -2.57 -12.62 -21.44
C GLY A 57 -4.07 -12.77 -21.58
N LEU A 58 -4.52 -13.55 -22.56
CA LEU A 58 -5.94 -13.77 -22.71
C LEU A 58 -6.39 -14.92 -21.85
N ILE A 59 -5.65 -16.01 -21.93
CA ILE A 59 -5.98 -17.19 -21.19
C ILE A 59 -5.55 -17.10 -19.76
N TYR A 60 -4.33 -16.65 -19.56
CA TYR A 60 -3.79 -16.58 -18.24
C TYR A 60 -3.85 -15.19 -17.73
N LEU A 61 -4.07 -15.03 -16.47
CA LEU A 61 -4.01 -13.71 -15.94
C LEU A 61 -2.60 -13.57 -15.43
N ASN A 62 -2.11 -12.35 -15.36
CA ASN A 62 -0.77 -12.02 -14.94
C ASN A 62 0.34 -12.60 -15.82
N LYS A 63 0.08 -12.63 -17.12
CA LYS A 63 1.05 -13.06 -18.12
C LYS A 63 1.20 -11.97 -19.15
N PHE A 64 1.13 -10.74 -18.69
CA PHE A 64 1.27 -9.59 -19.53
C PHE A 64 2.72 -9.48 -19.98
N ASN A 65 2.96 -8.81 -21.12
CA ASN A 65 4.33 -8.66 -21.68
C ASN A 65 5.09 -7.58 -20.91
N SER A 66 4.49 -6.40 -20.74
CA SER A 66 5.10 -5.25 -20.01
C SER A 66 6.51 -4.85 -20.48
N SER A 67 6.70 -4.71 -21.78
CA SER A 67 8.02 -4.36 -22.27
C SER A 67 7.97 -3.46 -23.48
N GLY A 68 8.86 -2.48 -23.48
CA GLY A 68 8.93 -1.46 -24.54
C GLY A 68 8.04 -0.21 -24.28
N CYS A 69 7.47 -0.10 -23.04
CA CYS A 69 6.61 0.99 -22.62
C CYS A 69 7.39 2.31 -22.58
N PRO A 70 8.63 2.39 -22.08
CA PRO A 70 9.37 3.62 -22.07
C PRO A 70 9.39 4.26 -23.45
N GLU A 71 9.46 3.44 -24.50
CA GLU A 71 9.45 3.98 -25.84
C GLU A 71 8.04 4.36 -26.27
N ARG A 72 7.06 3.51 -25.98
CA ARG A 72 5.68 3.76 -26.39
C ARG A 72 5.07 4.99 -25.73
N MET A 73 5.49 5.28 -24.52
CA MET A 73 4.97 6.39 -23.76
C MET A 73 5.69 7.68 -24.09
N ALA A 74 6.68 7.63 -24.95
CA ALA A 74 7.49 8.79 -25.26
C ALA A 74 6.65 9.92 -25.83
N SER A 75 5.62 9.59 -26.56
CA SER A 75 4.74 10.55 -27.20
C SER A 75 3.45 10.92 -26.44
N CYS A 76 3.28 10.46 -25.17
CA CYS A 76 2.09 10.68 -24.37
C CYS A 76 2.29 11.91 -23.48
N ARG A 77 1.73 13.03 -23.90
CA ARG A 77 1.89 14.29 -23.20
C ARG A 77 0.99 14.41 -21.97
N PRO A 78 1.43 15.11 -20.93
CA PRO A 78 0.67 15.56 -19.79
C PRO A 78 -0.40 16.53 -20.23
N LEU A 79 -1.48 16.62 -19.49
CA LEU A 79 -2.55 17.56 -19.85
C LEU A 79 -2.02 18.98 -19.89
N ALA A 80 -1.12 19.28 -18.98
CA ALA A 80 -0.56 20.60 -18.83
C ALA A 80 0.20 21.09 -20.07
N ASP A 81 0.63 20.18 -20.96
CA ASP A 81 1.40 20.59 -22.11
C ASP A 81 0.55 20.93 -23.34
N PHE A 82 -0.75 20.89 -23.19
CA PHE A 82 -1.67 21.24 -24.26
C PHE A 82 -2.08 22.70 -24.17
N ALA A 83 -2.49 23.27 -25.30
CA ALA A 83 -2.94 24.65 -25.33
C ALA A 83 -4.17 24.85 -24.48
N GLN A 84 -4.26 25.99 -23.81
CA GLN A 84 -5.42 26.33 -23.00
C GLN A 84 -6.63 26.52 -23.89
N GLY A 85 -7.76 25.96 -23.51
CA GLY A 85 -8.96 26.14 -24.32
C GLY A 85 -9.78 27.29 -23.85
N TRP A 86 -10.79 27.64 -24.61
CA TRP A 86 -11.71 28.68 -24.24
C TRP A 86 -12.90 28.63 -25.17
N GLY A 87 -13.99 29.29 -24.78
CA GLY A 87 -15.13 29.33 -25.66
C GLY A 87 -15.96 28.09 -25.38
N PRO A 88 -17.05 27.88 -26.11
CA PRO A 88 -17.95 26.77 -25.95
C PRO A 88 -17.28 25.52 -26.43
N ILE A 89 -17.69 24.40 -25.90
CA ILE A 89 -17.17 23.11 -26.31
C ILE A 89 -17.93 22.53 -27.47
N SER A 90 -17.19 22.05 -28.45
CA SER A 90 -17.81 21.40 -29.60
C SER A 90 -17.33 19.97 -29.67
N TYR A 91 -17.65 19.29 -30.76
CA TYR A 91 -17.25 17.90 -30.93
C TYR A 91 -16.64 17.62 -32.26
N ALA A 92 -15.83 16.59 -32.33
CA ALA A 92 -15.22 16.21 -33.59
C ALA A 92 -15.07 14.70 -33.65
N ASN A 93 -14.94 14.13 -34.87
CA ASN A 93 -14.74 12.71 -35.11
C ASN A 93 -13.25 12.37 -34.91
N GLY A 94 -12.94 11.57 -33.87
CA GLY A 94 -11.58 11.23 -33.42
C GLY A 94 -10.85 10.23 -34.29
N SER A 95 -10.66 10.57 -35.55
CA SER A 95 -10.03 9.64 -36.48
C SER A 95 -8.54 9.61 -36.25
N GLY A 96 -8.16 8.94 -35.17
CA GLY A 96 -6.80 8.89 -34.72
C GLY A 96 -5.93 7.86 -35.44
N PRO A 97 -4.66 7.76 -35.03
CA PRO A 97 -3.59 6.89 -35.50
C PRO A 97 -3.83 5.41 -35.30
N ASP A 98 -3.11 4.59 -36.07
CA ASP A 98 -3.19 3.15 -35.92
C ASP A 98 -2.12 2.56 -35.01
N HIS A 99 -1.41 3.43 -34.30
CA HIS A 99 -0.42 2.97 -33.35
C HIS A 99 -1.17 2.49 -32.15
N ARG A 100 -0.50 1.79 -31.26
CA ARG A 100 -1.19 1.27 -30.10
C ARG A 100 -1.74 2.43 -29.25
N PRO A 101 -3.04 2.45 -28.94
CA PRO A 101 -3.74 3.49 -28.21
C PRO A 101 -3.52 3.38 -26.73
N TYR A 102 -2.30 3.54 -26.30
CA TYR A 102 -2.01 3.38 -24.87
C TYR A 102 -1.89 4.67 -24.05
N CYS A 103 -2.25 5.83 -24.64
CA CYS A 103 -2.18 7.16 -24.05
C CYS A 103 -3.58 7.75 -23.87
N TRP A 104 -3.75 8.46 -22.76
CA TRP A 104 -5.00 9.11 -22.44
C TRP A 104 -5.44 10.14 -23.46
N HIS A 105 -4.53 10.77 -24.20
CA HIS A 105 -4.98 11.81 -25.12
C HIS A 105 -5.38 11.24 -26.47
N TYR A 106 -5.13 9.96 -26.70
CA TYR A 106 -5.43 9.40 -27.98
C TYR A 106 -6.90 9.58 -28.31
N PRO A 107 -7.28 10.22 -29.43
CA PRO A 107 -8.64 10.43 -29.82
C PRO A 107 -9.18 9.13 -30.41
N PRO A 108 -10.21 8.51 -29.83
CA PRO A 108 -10.79 7.26 -30.29
C PRO A 108 -11.58 7.46 -31.53
N LYS A 109 -11.59 6.45 -32.37
CA LYS A 109 -12.35 6.52 -33.58
C LYS A 109 -13.81 6.41 -33.24
N PRO A 110 -14.68 7.07 -33.97
CA PRO A 110 -16.10 6.97 -33.85
C PRO A 110 -16.44 5.52 -34.04
N CYS A 111 -17.49 5.05 -33.35
CA CYS A 111 -17.96 3.68 -33.39
C CYS A 111 -18.77 3.33 -34.62
N GLY A 112 -18.81 2.03 -34.86
CA GLY A 112 -19.54 1.40 -35.92
C GLY A 112 -19.38 -0.09 -35.70
N ILE A 113 -19.89 -0.89 -36.63
CA ILE A 113 -19.85 -2.34 -36.47
C ILE A 113 -18.48 -2.95 -36.72
N VAL A 114 -18.07 -3.79 -35.79
CA VAL A 114 -16.78 -4.47 -35.86
C VAL A 114 -16.91 -5.96 -36.04
N SER A 115 -16.32 -6.50 -37.09
CA SER A 115 -16.42 -7.94 -37.33
C SER A 115 -15.73 -8.77 -36.29
N ALA A 116 -16.37 -9.86 -35.89
CA ALA A 116 -15.87 -10.79 -34.89
C ALA A 116 -14.64 -11.50 -35.37
N LYS A 117 -14.44 -11.52 -36.66
CA LYS A 117 -13.32 -12.22 -37.25
C LYS A 117 -12.01 -11.58 -36.87
N SER A 118 -12.04 -10.31 -36.49
CA SER A 118 -10.86 -9.59 -36.12
C SER A 118 -10.68 -9.48 -34.62
N VAL A 119 -11.53 -10.14 -33.84
CA VAL A 119 -11.49 -10.04 -32.39
C VAL A 119 -11.00 -11.32 -31.70
N CYS A 120 -9.95 -11.19 -30.85
CA CYS A 120 -9.31 -12.25 -30.07
C CYS A 120 -9.92 -12.33 -28.68
N GLY A 121 -9.92 -11.20 -28.00
CA GLY A 121 -10.40 -11.22 -26.63
C GLY A 121 -11.86 -10.82 -26.53
N PRO A 122 -12.40 -10.72 -25.32
CA PRO A 122 -13.73 -10.29 -25.04
C PRO A 122 -13.76 -8.81 -25.29
N VAL A 123 -14.92 -8.26 -25.55
CA VAL A 123 -14.98 -6.84 -25.74
C VAL A 123 -15.56 -6.14 -24.54
N TYR A 124 -14.84 -5.17 -24.02
CA TYR A 124 -15.32 -4.42 -22.88
C TYR A 124 -15.72 -3.02 -23.27
N CYS A 125 -16.92 -2.60 -22.84
CA CYS A 125 -17.46 -1.27 -23.04
C CYS A 125 -17.52 -0.54 -21.73
N PHE A 126 -17.24 0.73 -21.81
CA PHE A 126 -17.19 1.53 -20.64
C PHE A 126 -18.23 2.58 -20.59
N THR A 127 -18.89 2.52 -19.48
CA THR A 127 -19.90 3.36 -18.97
C THR A 127 -18.99 3.70 -17.86
N PRO A 128 -19.32 4.41 -16.83
CA PRO A 128 -18.36 4.58 -15.79
C PRO A 128 -17.79 3.20 -15.39
N SER A 129 -18.63 2.15 -15.41
CA SER A 129 -18.22 0.79 -15.10
C SER A 129 -17.94 0.02 -16.38
N PRO A 130 -17.11 -1.04 -16.36
CA PRO A 130 -16.90 -1.93 -17.47
C PRO A 130 -18.12 -2.80 -17.70
N VAL A 131 -18.40 -3.08 -18.94
CA VAL A 131 -19.46 -3.94 -19.38
C VAL A 131 -18.97 -4.96 -20.37
N VAL A 132 -19.26 -6.22 -20.17
CA VAL A 132 -18.84 -7.18 -21.18
C VAL A 132 -19.93 -7.28 -22.23
N VAL A 133 -19.55 -7.17 -23.49
CA VAL A 133 -20.54 -7.28 -24.52
C VAL A 133 -20.13 -8.45 -25.37
N GLY A 134 -21.10 -9.04 -26.05
CA GLY A 134 -20.80 -10.18 -26.87
C GLY A 134 -21.12 -9.93 -28.30
N THR A 135 -21.05 -10.99 -29.06
CA THR A 135 -21.31 -10.98 -30.47
C THR A 135 -22.79 -10.94 -30.80
N THR A 136 -23.07 -10.55 -32.03
CA THR A 136 -24.43 -10.41 -32.51
C THR A 136 -24.50 -10.51 -34.03
N ASN A 137 -25.67 -10.75 -34.59
CA ASN A 137 -25.73 -10.69 -36.03
C ASN A 137 -26.07 -9.26 -36.32
N LYS A 138 -26.16 -8.87 -37.57
CA LYS A 138 -26.58 -7.49 -37.73
C LYS A 138 -27.99 -7.31 -37.19
N LEU A 139 -28.84 -8.33 -37.35
CA LEU A 139 -30.21 -8.25 -36.86
C LEU A 139 -30.52 -9.17 -35.67
N GLY A 140 -30.03 -10.42 -35.71
CA GLY A 140 -30.31 -11.38 -34.62
C GLY A 140 -29.54 -11.01 -33.37
N ALA A 141 -30.10 -11.24 -32.19
CA ALA A 141 -29.33 -10.80 -31.03
C ALA A 141 -28.14 -11.71 -30.67
N PRO A 142 -28.26 -12.98 -30.22
CA PRO A 142 -27.12 -13.83 -29.98
C PRO A 142 -26.56 -14.44 -31.24
N THR A 143 -25.27 -14.75 -31.20
CA THR A 143 -24.59 -15.55 -32.18
C THR A 143 -23.67 -16.52 -31.46
N TYR A 144 -24.16 -17.69 -31.09
CA TYR A 144 -23.33 -18.58 -30.28
C TYR A 144 -22.39 -19.38 -31.15
N SER A 145 -21.42 -18.69 -31.71
CA SER A 145 -20.50 -19.23 -32.70
C SER A 145 -19.03 -19.11 -32.31
N TRP A 146 -18.76 -18.47 -31.17
CA TRP A 146 -17.40 -18.14 -30.74
C TRP A 146 -16.72 -17.13 -31.68
N GLY A 147 -17.50 -16.51 -32.56
CA GLY A 147 -16.99 -15.49 -33.46
C GLY A 147 -16.28 -16.09 -34.65
N GLU A 148 -16.37 -17.41 -34.82
CA GLU A 148 -15.66 -18.07 -35.92
C GLU A 148 -16.30 -17.90 -37.32
N ASN A 149 -17.64 -17.75 -37.38
CA ASN A 149 -18.45 -17.63 -38.58
C ASN A 149 -18.49 -16.16 -39.07
N GLU A 150 -18.91 -15.96 -40.33
CA GLU A 150 -19.09 -14.66 -40.98
C GLU A 150 -20.43 -14.08 -40.60
N THR A 151 -20.55 -12.75 -40.72
CA THR A 151 -21.74 -11.91 -40.42
C THR A 151 -21.93 -11.74 -38.91
N ASP A 152 -21.02 -12.33 -38.16
CA ASP A 152 -20.94 -12.27 -36.73
C ASP A 152 -20.13 -11.05 -36.35
N VAL A 153 -20.80 -10.07 -35.78
CA VAL A 153 -20.24 -8.78 -35.50
C VAL A 153 -20.48 -8.29 -34.09
N PHE A 154 -19.83 -7.20 -33.75
CA PHE A 154 -20.15 -6.50 -32.53
C PHE A 154 -20.89 -5.22 -32.95
N VAL A 155 -22.10 -5.02 -32.43
CA VAL A 155 -22.92 -3.86 -32.82
C VAL A 155 -22.25 -2.53 -32.48
N LEU A 156 -21.88 -2.37 -31.23
CA LEU A 156 -21.19 -1.17 -30.75
C LEU A 156 -21.78 0.23 -31.05
N ASN A 157 -23.11 0.32 -31.05
CA ASN A 157 -23.78 1.63 -31.25
C ASN A 157 -23.79 2.34 -29.90
N ASN A 158 -23.26 3.55 -29.85
CA ASN A 158 -23.11 4.27 -28.59
C ASN A 158 -23.43 5.74 -28.71
N THR A 159 -23.98 6.27 -27.65
CA THR A 159 -24.18 7.72 -27.56
C THR A 159 -23.93 7.97 -26.09
N ARG A 160 -23.35 9.09 -25.73
CA ARG A 160 -22.93 9.27 -24.33
C ARG A 160 -23.99 8.76 -23.38
N PRO A 161 -23.59 7.99 -22.33
CA PRO A 161 -24.51 7.36 -21.38
C PRO A 161 -25.68 8.05 -20.68
N PRO A 162 -25.71 9.36 -20.36
CA PRO A 162 -26.91 9.85 -19.68
C PRO A 162 -28.14 9.42 -20.49
N LEU A 163 -27.99 9.04 -21.77
CA LEU A 163 -29.10 8.64 -22.60
C LEU A 163 -29.13 7.13 -22.69
N GLY A 164 -27.93 6.53 -22.73
CA GLY A 164 -27.80 5.08 -22.83
C GLY A 164 -26.42 4.61 -23.30
N ASN A 165 -26.27 3.30 -23.39
CA ASN A 165 -25.06 2.62 -23.85
C ASN A 165 -23.73 2.93 -23.17
N TRP A 166 -22.77 3.52 -23.87
CA TRP A 166 -21.42 3.71 -23.31
C TRP A 166 -20.58 4.83 -23.87
N PHE A 167 -19.56 5.22 -23.13
CA PHE A 167 -18.64 6.26 -23.58
C PHE A 167 -17.73 5.72 -24.67
N GLY A 168 -17.37 4.46 -24.58
CA GLY A 168 -16.50 3.83 -25.59
C GLY A 168 -16.11 2.41 -25.17
N CYS A 169 -15.50 1.62 -26.07
CA CYS A 169 -15.11 0.22 -25.86
C CYS A 169 -13.65 -0.03 -26.27
N THR A 170 -13.06 -1.04 -25.62
CA THR A 170 -11.70 -1.51 -25.91
C THR A 170 -11.63 -3.02 -26.07
N TRP A 171 -10.87 -3.51 -27.06
CA TRP A 171 -10.70 -4.94 -27.21
C TRP A 171 -9.38 -5.30 -27.87
N MET A 172 -8.93 -6.53 -27.69
CA MET A 172 -7.73 -6.96 -28.40
C MET A 172 -8.12 -7.60 -29.72
N ASN A 173 -7.50 -7.17 -30.85
CA ASN A 173 -7.79 -7.71 -32.18
C ASN A 173 -7.02 -9.03 -32.39
N SER A 174 -7.25 -9.69 -33.54
CA SER A 174 -6.69 -11.00 -33.88
C SER A 174 -5.18 -11.09 -34.01
N THR A 175 -4.48 -9.97 -34.12
CA THR A 175 -3.03 -10.07 -34.23
C THR A 175 -2.33 -9.42 -33.05
N GLY A 176 -3.07 -9.17 -31.98
CA GLY A 176 -2.44 -8.63 -30.79
C GLY A 176 -2.41 -7.13 -30.64
N PHE A 177 -3.23 -6.40 -31.38
CA PHE A 177 -3.25 -4.97 -31.21
C PHE A 177 -4.51 -4.50 -30.55
N THR A 178 -4.36 -3.57 -29.62
CA THR A 178 -5.51 -3.03 -28.95
C THR A 178 -6.17 -1.98 -29.80
N LYS A 179 -7.47 -2.09 -29.93
CA LYS A 179 -8.22 -1.13 -30.68
C LYS A 179 -9.33 -0.57 -29.84
N VAL A 180 -9.71 0.65 -30.16
CA VAL A 180 -10.77 1.30 -29.42
C VAL A 180 -11.86 1.83 -30.34
N CYS A 181 -13.02 2.10 -29.74
CA CYS A 181 -14.25 2.61 -30.35
C CYS A 181 -14.81 3.62 -29.37
N GLY A 182 -15.21 4.79 -29.80
CA GLY A 182 -15.84 5.62 -28.78
C GLY A 182 -16.56 6.86 -29.23
N ALA A 183 -17.11 7.55 -28.24
CA ALA A 183 -17.86 8.75 -28.45
C ALA A 183 -16.93 9.82 -28.99
N PRO A 184 -17.41 10.77 -29.76
CA PRO A 184 -16.60 11.85 -30.26
C PRO A 184 -15.94 12.59 -29.12
N PRO A 185 -14.64 12.88 -29.17
CA PRO A 185 -13.95 13.65 -28.18
C PRO A 185 -14.39 15.08 -28.33
N CYS A 186 -14.24 15.87 -27.26
CA CYS A 186 -14.53 17.29 -27.22
C CYS A 186 -13.46 18.10 -27.93
N ALA A 187 -13.93 19.04 -28.71
CA ALA A 187 -13.05 19.96 -29.35
C ALA A 187 -12.94 21.14 -28.42
N ILE A 188 -11.81 21.23 -27.75
CA ILE A 188 -11.57 22.22 -26.74
C ILE A 188 -11.13 23.56 -27.31
N GLY A 189 -10.35 23.52 -28.36
CA GLY A 189 -9.86 24.74 -28.97
C GLY A 189 -8.63 25.26 -28.28
N GLY A 190 -8.35 26.53 -28.48
CA GLY A 190 -7.17 27.17 -27.97
C GLY A 190 -6.61 28.12 -29.01
N VAL A 191 -5.65 28.92 -28.59
CA VAL A 191 -5.03 29.93 -29.45
C VAL A 191 -3.99 29.39 -30.43
N GLY A 192 -3.26 28.36 -30.01
CA GLY A 192 -2.18 27.83 -30.80
C GLY A 192 -2.61 26.66 -31.67
N ASN A 193 -1.61 25.88 -32.14
CA ASN A 193 -1.82 24.70 -33.01
C ASN A 193 -1.94 23.39 -32.21
N ASN A 194 -1.35 23.32 -30.97
CA ASN A 194 -1.32 22.14 -30.11
C ASN A 194 -2.55 22.09 -29.23
N THR A 195 -3.69 22.08 -29.88
CA THR A 195 -4.93 22.05 -29.18
C THR A 195 -5.28 20.64 -28.85
N LEU A 196 -6.25 20.49 -27.99
CA LEU A 196 -6.64 19.19 -27.55
C LEU A 196 -8.01 18.73 -27.96
N HIS A 197 -8.08 17.47 -28.33
CA HIS A 197 -9.33 16.78 -28.49
C HIS A 197 -9.36 15.97 -27.22
N CYS A 198 -10.33 16.24 -26.34
CA CYS A 198 -10.40 15.68 -25.00
C CYS A 198 -11.42 14.55 -24.88
N PRO A 199 -10.97 13.31 -24.64
CA PRO A 199 -11.76 12.12 -24.40
C PRO A 199 -11.96 11.88 -22.90
N THR A 200 -11.54 12.82 -22.07
CA THR A 200 -11.51 12.55 -20.65
C THR A 200 -11.90 13.79 -19.86
N ASP A 201 -11.77 13.81 -18.56
CA ASP A 201 -12.20 15.02 -17.88
C ASP A 201 -11.06 16.08 -17.80
N CYS A 202 -10.87 16.88 -18.86
CA CYS A 202 -9.74 17.82 -19.02
C CYS A 202 -10.00 19.18 -18.33
N PHE A 203 -10.28 19.12 -17.05
CA PHE A 203 -10.61 20.30 -16.27
C PHE A 203 -9.62 21.42 -16.34
N ARG A 204 -8.35 21.11 -16.22
CA ARG A 204 -7.37 22.16 -16.16
C ARG A 204 -7.14 22.90 -17.49
N LYS A 205 -7.64 22.36 -18.59
CA LYS A 205 -7.50 23.07 -19.86
C LYS A 205 -8.80 23.74 -20.23
N HIS A 206 -9.91 23.19 -19.76
CA HIS A 206 -11.20 23.80 -20.01
C HIS A 206 -12.15 23.35 -18.90
N PRO A 207 -12.64 24.26 -18.05
CA PRO A 207 -13.46 23.99 -16.90
C PRO A 207 -14.74 23.20 -17.12
N GLU A 208 -15.30 23.21 -18.32
CA GLU A 208 -16.55 22.49 -18.52
C GLU A 208 -16.35 21.12 -19.11
N ALA A 209 -15.13 20.73 -19.38
CA ALA A 209 -14.88 19.48 -20.07
C ALA A 209 -14.93 18.31 -19.14
N THR A 210 -16.10 17.99 -18.63
CA THR A 210 -16.25 16.93 -17.66
C THR A 210 -16.28 15.57 -18.30
N TYR A 211 -16.06 14.52 -17.51
CA TYR A 211 -16.13 13.17 -18.06
C TYR A 211 -17.51 12.93 -18.63
N SER A 212 -18.54 13.34 -17.92
CA SER A 212 -19.88 13.10 -18.41
C SER A 212 -20.18 13.73 -19.78
N ARG A 213 -19.42 14.73 -20.21
CA ARG A 213 -19.64 15.35 -21.52
C ARG A 213 -18.58 15.02 -22.60
N CYS A 214 -17.32 14.77 -22.18
CA CYS A 214 -16.16 14.54 -23.04
C CYS A 214 -15.63 13.15 -22.92
N GLY A 215 -16.15 12.35 -22.03
CA GLY A 215 -15.56 11.06 -21.88
C GLY A 215 -15.77 10.19 -23.08
N SER A 216 -14.76 9.43 -23.42
CA SER A 216 -14.84 8.47 -24.47
C SER A 216 -13.85 7.37 -24.11
N GLY A 217 -14.35 6.18 -23.87
CA GLY A 217 -13.50 5.10 -23.42
C GLY A 217 -13.30 5.22 -21.90
N PRO A 218 -12.40 4.41 -21.31
CA PRO A 218 -12.13 4.25 -19.91
C PRO A 218 -11.33 5.33 -19.21
N TRP A 219 -10.82 6.35 -19.90
CA TRP A 219 -10.02 7.32 -19.17
C TRP A 219 -10.88 8.36 -18.46
N ILE A 220 -10.70 8.48 -17.16
CA ILE A 220 -11.49 9.41 -16.37
C ILE A 220 -10.76 10.70 -16.24
N THR A 221 -9.49 10.62 -15.91
CA THR A 221 -8.68 11.81 -15.78
C THR A 221 -7.49 11.42 -16.62
N PRO A 222 -6.61 12.31 -17.01
CA PRO A 222 -5.43 12.00 -17.79
C PRO A 222 -4.54 10.92 -17.18
N ARG A 223 -4.63 10.70 -15.87
CA ARG A 223 -3.81 9.69 -15.22
C ARG A 223 -4.54 8.49 -14.62
N CYS A 224 -5.87 8.35 -14.82
CA CYS A 224 -6.67 7.28 -14.21
C CYS A 224 -7.64 6.67 -15.21
N LEU A 225 -7.68 5.35 -15.21
CA LEU A 225 -8.58 4.62 -16.09
C LEU A 225 -9.37 3.58 -15.34
N VAL A 226 -10.54 3.26 -15.86
CA VAL A 226 -11.37 2.25 -15.23
C VAL A 226 -10.75 0.87 -15.35
N ASP A 227 -10.63 0.18 -14.23
CA ASP A 227 -10.03 -1.14 -14.19
C ASP A 227 -11.03 -2.21 -14.60
N TYR A 228 -10.51 -3.35 -15.01
CA TYR A 228 -11.28 -4.51 -15.42
C TYR A 228 -10.32 -5.70 -15.52
N PRO A 229 -10.76 -6.96 -15.57
CA PRO A 229 -9.93 -8.15 -15.64
C PRO A 229 -8.86 -8.18 -16.72
N TYR A 230 -9.10 -7.52 -17.84
CA TYR A 230 -8.13 -7.52 -18.92
C TYR A 230 -7.41 -6.20 -19.11
N ARG A 231 -7.45 -5.34 -18.12
CA ARG A 231 -6.76 -4.06 -18.29
C ARG A 231 -5.30 -4.20 -18.58
N LEU A 232 -4.63 -5.17 -18.00
CA LEU A 232 -3.19 -5.24 -18.22
C LEU A 232 -2.84 -6.01 -19.46
N TRP A 233 -3.84 -6.43 -20.19
CA TRP A 233 -3.61 -7.10 -21.42
C TRP A 233 -3.80 -6.05 -22.50
N HIS A 234 -4.94 -5.34 -22.45
CA HIS A 234 -5.28 -4.32 -23.43
C HIS A 234 -4.43 -3.08 -23.30
N TYR A 235 -4.08 -2.70 -22.09
CA TYR A 235 -3.27 -1.56 -21.83
C TYR A 235 -2.13 -2.01 -20.95
N PRO A 236 -1.22 -2.82 -21.44
CA PRO A 236 -0.20 -3.49 -20.68
C PRO A 236 0.79 -2.60 -19.96
N CYS A 237 0.89 -1.32 -20.33
CA CYS A 237 1.79 -0.36 -19.73
C CYS A 237 1.20 0.21 -18.48
N THR A 238 -0.02 -0.15 -18.13
CA THR A 238 -0.59 0.42 -16.92
C THR A 238 -0.25 -0.40 -15.68
N ILE A 239 1.03 -0.64 -15.54
CA ILE A 239 1.66 -1.33 -14.45
C ILE A 239 1.88 -0.24 -13.43
N ASN A 240 1.74 -0.59 -12.14
CA ASN A 240 1.92 0.36 -11.00
C ASN A 240 0.77 1.38 -10.97
N TYR A 241 -0.37 1.01 -11.55
CA TYR A 241 -1.54 1.93 -11.45
C TYR A 241 -2.25 1.58 -10.13
N THR A 242 -1.73 2.10 -9.00
CA THR A 242 -2.31 1.82 -7.66
C THR A 242 -3.84 1.81 -7.77
N ARG A 243 -4.50 0.82 -7.16
CA ARG A 243 -5.95 0.76 -7.39
C ARG A 243 -6.68 1.48 -6.26
N PHE A 244 -7.74 2.19 -6.62
CA PHE A 244 -8.56 2.92 -5.69
C PHE A 244 -10.01 2.53 -5.79
N LYS A 245 -10.73 2.59 -4.68
CA LYS A 245 -12.16 2.33 -4.75
C LYS A 245 -12.89 3.63 -4.76
N VAL A 246 -13.60 3.90 -5.83
CA VAL A 246 -14.31 5.16 -5.94
C VAL A 246 -15.73 4.93 -6.39
N ARG A 247 -16.55 5.92 -6.21
CA ARG A 247 -17.92 5.84 -6.68
C ARG A 247 -18.27 7.05 -7.49
N MET A 248 -18.81 6.79 -8.67
CA MET A 248 -19.20 7.84 -9.59
C MET A 248 -20.68 7.80 -9.85
N TYR A 249 -21.32 8.96 -9.92
CA TYR A 249 -22.79 9.03 -10.14
C TYR A 249 -23.08 9.71 -11.47
N ILE A 250 -23.67 8.99 -12.42
CA ILE A 250 -24.04 9.57 -13.71
C ILE A 250 -25.51 9.52 -13.94
N GLY A 251 -26.10 10.66 -14.18
CA GLY A 251 -27.53 10.65 -14.36
C GLY A 251 -28.07 10.15 -13.04
N GLY A 252 -28.88 9.12 -13.07
CA GLY A 252 -29.44 8.61 -11.84
C GLY A 252 -28.75 7.37 -11.26
N VAL A 253 -27.64 6.93 -11.84
CA VAL A 253 -27.04 5.67 -11.40
C VAL A 253 -25.65 5.71 -10.80
N GLU A 254 -25.50 5.06 -9.65
CA GLU A 254 -24.21 4.93 -9.00
C GLU A 254 -23.46 3.77 -9.59
N HIS A 255 -22.17 3.96 -9.77
CA HIS A 255 -21.31 2.91 -10.21
C HIS A 255 -20.14 2.79 -9.27
N ARG A 256 -19.88 1.57 -8.85
CA ARG A 256 -18.77 1.30 -7.96
C ARG A 256 -17.62 0.92 -8.84
N LEU A 257 -16.59 1.73 -8.83
CA LEU A 257 -15.52 1.53 -9.75
C LEU A 257 -14.20 1.18 -9.13
N ASP A 258 -13.46 0.38 -9.86
CA ASP A 258 -12.09 0.11 -9.54
C ASP A 258 -11.27 1.05 -10.38
N ALA A 259 -10.59 2.00 -9.78
CA ALA A 259 -9.85 2.97 -10.56
C ALA A 259 -8.38 2.68 -10.51
N ALA A 260 -7.73 2.65 -11.65
CA ALA A 260 -6.31 2.40 -11.71
C ALA A 260 -5.59 3.70 -12.04
N CYS A 261 -4.72 4.24 -11.14
CA CYS A 261 -4.07 5.56 -11.33
C CYS A 261 -2.56 5.56 -11.28
N ASN A 262 -1.96 6.38 -12.12
CA ASN A 262 -0.53 6.57 -12.16
C ASN A 262 -0.10 7.52 -11.03
N TRP A 263 0.65 6.99 -10.03
CA TRP A 263 1.13 7.72 -8.86
C TRP A 263 2.44 7.22 -8.31
N THR A 264 3.41 8.12 -8.19
CA THR A 264 4.69 7.78 -7.63
C THR A 264 4.96 8.56 -6.36
N ARG A 265 5.36 7.89 -5.30
CA ARG A 265 5.59 8.64 -4.07
C ARG A 265 6.61 9.71 -4.35
N GLY A 266 6.35 10.91 -3.87
CA GLY A 266 7.26 12.04 -4.05
C GLY A 266 6.91 12.91 -5.25
N GLU A 267 6.00 12.46 -6.09
CA GLU A 267 5.57 13.20 -7.25
C GLU A 267 4.94 14.53 -6.88
N ARG A 268 5.29 15.57 -7.61
CA ARG A 268 4.78 16.91 -7.32
C ARG A 268 3.26 16.88 -7.38
N CYS A 269 2.56 17.54 -6.43
CA CYS A 269 1.10 17.60 -6.38
C CYS A 269 0.63 18.94 -5.80
N ASP A 270 0.74 19.99 -6.61
CA ASP A 270 0.35 21.33 -6.20
C ASP A 270 -1.09 21.58 -6.66
N LEU A 271 -1.68 22.73 -6.41
CA LEU A 271 -3.06 22.90 -6.84
C LEU A 271 -3.18 22.90 -8.33
N GLU A 272 -2.17 23.40 -9.00
CA GLU A 272 -2.18 23.48 -10.44
C GLU A 272 -2.14 22.10 -11.09
N ASP A 273 -1.82 21.09 -10.30
CA ASP A 273 -1.70 19.74 -10.75
C ASP A 273 -2.95 18.93 -10.47
N ARG A 274 -3.99 19.53 -9.87
CA ARG A 274 -5.15 18.73 -9.50
C ARG A 274 -6.32 18.75 -10.47
N ASP A 275 -6.76 17.56 -10.85
CA ASP A 275 -7.86 17.39 -11.76
C ASP A 275 -9.20 17.16 -11.09
N ARG A 276 -10.24 17.45 -11.81
CA ARG A 276 -11.59 17.24 -11.35
C ARG A 276 -11.90 15.76 -11.51
N SER A 277 -12.48 15.14 -10.50
CA SER A 277 -12.79 13.71 -10.58
C SER A 277 -14.26 13.33 -10.82
N GLU A 278 -15.19 14.26 -10.60
CA GLU A 278 -16.63 14.04 -10.73
C GLU A 278 -17.11 12.81 -9.91
N LEU A 279 -16.65 12.71 -8.68
CA LEU A 279 -17.03 11.61 -7.79
C LEU A 279 -18.04 11.94 -6.72
N SER A 280 -18.67 10.89 -6.20
CA SER A 280 -19.59 10.95 -5.08
C SER A 280 -19.03 9.91 -4.13
N PRO A 281 -17.98 10.29 -3.39
CA PRO A 281 -17.00 9.47 -2.73
C PRO A 281 -17.42 8.64 -1.56
N LEU A 282 -16.62 7.61 -1.37
CA LEU A 282 -16.72 6.67 -0.29
C LEU A 282 -16.01 7.28 0.89
N LEU A 283 -16.42 6.92 2.08
CA LEU A 283 -15.84 7.47 3.28
C LEU A 283 -14.73 6.67 3.94
N LEU A 284 -13.67 7.39 4.27
CA LEU A 284 -12.51 6.94 4.99
C LEU A 284 -12.62 7.47 6.41
N SER A 285 -12.60 6.58 7.38
CA SER A 285 -12.77 6.99 8.76
C SER A 285 -14.05 7.80 8.87
N THR A 286 -14.00 8.95 9.53
CA THR A 286 -15.19 9.78 9.65
C THR A 286 -15.09 11.13 9.00
N THR A 287 -13.88 11.57 8.66
CA THR A 287 -13.71 12.92 8.16
C THR A 287 -13.23 13.01 6.71
N GLN A 288 -12.88 11.89 6.05
CA GLN A 288 -12.33 12.07 4.72
C GLN A 288 -12.92 11.25 3.59
N TRP A 289 -13.00 11.86 2.45
CA TRP A 289 -13.42 11.20 1.25
C TRP A 289 -12.26 10.63 0.49
N GLN A 290 -12.50 9.50 -0.15
CA GLN A 290 -11.51 8.90 -1.02
C GLN A 290 -11.63 9.48 -2.40
N VAL A 291 -10.57 10.07 -2.87
CA VAL A 291 -10.56 10.67 -4.18
C VAL A 291 -9.39 10.11 -4.97
N LEU A 292 -9.29 10.41 -6.23
CA LEU A 292 -8.18 9.88 -6.99
C LEU A 292 -6.98 10.70 -6.55
N PRO A 293 -5.75 10.23 -6.62
CA PRO A 293 -4.60 11.02 -6.26
C PRO A 293 -4.58 12.30 -7.07
N CYS A 294 -4.26 13.44 -6.42
CA CYS A 294 -4.15 14.79 -7.01
C CYS A 294 -5.42 15.16 -7.79
N SER A 295 -6.55 14.98 -7.13
CA SER A 295 -7.80 15.30 -7.74
C SER A 295 -8.73 15.71 -6.66
N PHE A 296 -9.86 16.24 -7.06
CA PHE A 296 -10.86 16.63 -6.10
C PHE A 296 -12.25 16.44 -6.65
N THR A 297 -13.21 16.33 -5.76
CA THR A 297 -14.57 16.32 -6.21
C THR A 297 -15.12 17.67 -6.00
N THR A 298 -16.25 17.94 -6.61
CA THR A 298 -16.84 19.23 -6.49
C THR A 298 -17.77 19.33 -5.31
N LEU A 299 -17.99 18.23 -4.64
CA LEU A 299 -18.86 18.28 -3.49
C LEU A 299 -18.19 19.09 -2.40
N PRO A 300 -18.89 20.04 -1.78
CA PRO A 300 -18.44 20.90 -0.71
C PRO A 300 -18.39 20.18 0.61
N ALA A 301 -17.58 20.69 1.53
CA ALA A 301 -17.62 20.20 2.89
C ALA A 301 -18.92 20.61 3.53
N LEU A 302 -19.43 19.75 4.39
CA LEU A 302 -20.71 19.96 5.06
C LEU A 302 -20.88 21.25 5.84
N SER A 303 -19.88 21.61 6.62
CA SER A 303 -19.94 22.77 7.48
C SER A 303 -19.58 24.10 6.85
N THR A 304 -18.79 24.09 5.77
CA THR A 304 -18.34 25.35 5.19
C THR A 304 -18.76 25.64 3.77
N GLY A 305 -19.10 24.63 2.99
CA GLY A 305 -19.43 24.86 1.58
C GLY A 305 -18.18 24.94 0.70
N LEU A 306 -17.02 24.79 1.30
CA LEU A 306 -15.74 24.91 0.63
C LEU A 306 -15.04 23.59 0.36
N ILE A 307 -14.07 23.63 -0.53
CA ILE A 307 -13.25 22.47 -0.78
C ILE A 307 -11.98 22.50 0.07
N HIS A 308 -11.74 21.44 0.81
CA HIS A 308 -10.58 21.39 1.68
C HIS A 308 -9.72 20.15 1.38
N LEU A 309 -8.53 20.37 0.91
CA LEU A 309 -7.62 19.31 0.49
C LEU A 309 -6.44 19.19 1.43
N HIS A 310 -5.82 18.02 1.50
CA HIS A 310 -4.63 17.93 2.33
C HIS A 310 -3.38 18.13 1.48
N GLN A 311 -2.36 18.79 2.05
CA GLN A 311 -1.09 19.00 1.34
C GLN A 311 -0.18 17.81 1.09
N ASN A 312 -0.13 16.84 2.02
CA ASN A 312 0.80 15.70 1.96
C ASN A 312 0.09 14.39 1.61
N ILE A 313 -1.19 14.22 2.03
CA ILE A 313 -1.96 13.01 1.73
C ILE A 313 -2.69 13.36 0.46
N VAL A 314 -2.20 12.81 -0.61
CA VAL A 314 -2.55 13.11 -1.97
C VAL A 314 -3.93 12.76 -2.42
N ASP A 315 -4.46 11.65 -1.97
CA ASP A 315 -5.75 11.15 -2.39
C ASP A 315 -6.92 11.38 -1.41
N VAL A 316 -6.88 12.44 -0.60
CA VAL A 316 -8.02 12.67 0.28
C VAL A 316 -8.60 14.06 0.18
N GLN A 317 -9.85 14.14 0.55
CA GLN A 317 -10.58 15.41 0.61
C GLN A 317 -11.39 15.46 1.88
N TYR A 318 -11.42 16.59 2.55
CA TYR A 318 -12.17 16.62 3.79
C TYR A 318 -13.62 16.90 3.56
N LEU A 319 -14.45 16.25 4.34
CA LEU A 319 -15.89 16.49 4.22
C LEU A 319 -16.37 17.45 5.25
N TYR A 320 -15.48 17.83 6.15
CA TYR A 320 -15.82 18.75 7.20
C TYR A 320 -14.81 19.84 7.27
N GLY A 321 -15.27 21.06 7.13
CA GLY A 321 -14.40 22.19 7.26
C GLY A 321 -14.40 22.49 8.73
N VAL A 322 -13.42 23.22 9.19
CA VAL A 322 -13.36 23.50 10.60
C VAL A 322 -14.06 24.75 11.06
N GLY A 323 -13.99 25.82 10.30
CA GLY A 323 -14.60 27.05 10.78
C GLY A 323 -16.11 26.88 10.86
N SER A 324 -16.72 27.52 11.84
CA SER A 324 -18.17 27.45 12.01
C SER A 324 -18.68 28.68 12.71
N SER A 325 -20.00 28.91 12.67
CA SER A 325 -20.58 30.07 13.32
C SER A 325 -22.07 29.91 13.63
N ILE A 326 -22.68 31.02 14.00
CA ILE A 326 -24.09 31.13 14.37
C ILE A 326 -24.85 31.81 13.24
N VAL A 327 -25.95 31.23 12.81
CA VAL A 327 -26.67 31.83 11.69
C VAL A 327 -27.17 33.21 12.06
N SER A 328 -26.85 34.19 11.21
CA SER A 328 -27.21 35.58 11.43
C SER A 328 -28.65 35.89 11.09
N TRP A 329 -29.27 35.09 10.23
CA TRP A 329 -30.66 35.33 9.84
C TRP A 329 -31.54 35.14 11.06
N ALA A 330 -31.10 34.27 11.95
CA ALA A 330 -31.80 33.91 13.18
C ALA A 330 -31.92 35.07 14.15
N ILE A 331 -31.05 36.08 13.99
CA ILE A 331 -31.05 37.20 14.89
C ILE A 331 -31.33 38.54 14.21
N LYS A 332 -31.89 38.52 12.98
CA LYS A 332 -32.18 39.80 12.31
C LYS A 332 -33.48 40.41 12.80
N TRP A 333 -33.43 40.88 14.03
CA TRP A 333 -34.56 41.48 14.72
C TRP A 333 -34.87 42.87 14.16
N GLU A 334 -36.18 43.20 14.01
CA GLU A 334 -36.70 44.48 13.54
C GLU A 334 -36.73 45.49 14.69
N LEU B 23 19.96 -1.99 25.15
CA LEU B 23 19.86 -3.44 25.06
C LEU B 23 21.21 -4.05 25.46
N GLU B 24 21.21 -5.37 25.74
CA GLU B 24 22.40 -6.17 26.10
C GLU B 24 22.59 -7.34 25.15
N GLN B 25 23.78 -7.47 24.58
CA GLN B 25 24.03 -8.56 23.65
C GLN B 25 24.67 -9.75 24.33
N SER B 26 24.54 -10.89 23.68
CA SER B 26 25.14 -12.15 24.13
C SER B 26 26.67 -12.08 24.03
N GLY B 27 27.36 -13.08 24.57
CA GLY B 27 28.82 -13.08 24.57
C GLY B 27 29.45 -13.52 23.23
N PRO B 28 30.79 -13.67 23.18
CA PRO B 28 31.63 -14.03 22.03
C PRO B 28 31.31 -15.40 21.49
N GLU B 29 31.55 -15.58 20.19
CA GLU B 29 31.31 -16.88 19.56
C GLU B 29 32.35 -17.22 18.50
N VAL B 30 32.69 -18.50 18.40
CA VAL B 30 33.66 -18.97 17.41
C VAL B 30 33.11 -20.13 16.59
N LYS B 31 33.21 -20.03 15.28
CA LYS B 31 32.72 -21.05 14.38
C LYS B 31 33.69 -21.46 13.30
N LYS B 32 33.44 -22.63 12.77
CA LYS B 32 34.17 -23.10 11.63
C LYS B 32 33.27 -22.74 10.46
N PRO B 33 33.76 -22.64 9.23
CA PRO B 33 32.94 -22.33 8.08
C PRO B 33 31.77 -23.30 7.97
N GLY B 34 30.61 -22.79 7.59
CA GLY B 34 29.42 -23.62 7.50
C GLY B 34 28.64 -23.54 8.82
N ASP B 35 28.08 -24.65 9.24
CA ASP B 35 27.23 -24.70 10.43
C ASP B 35 26.21 -23.56 10.43
N SER B 36 26.06 -22.90 11.59
CA SER B 36 25.19 -21.75 11.72
C SER B 36 25.66 -20.94 12.92
N LEU B 37 25.26 -19.68 12.98
CA LEU B 37 25.57 -18.82 14.12
C LEU B 37 24.44 -17.90 14.46
N ARG B 38 24.19 -17.73 15.75
CA ARG B 38 23.16 -16.80 16.19
C ARG B 38 23.65 -15.87 17.27
N ILE B 39 23.32 -14.59 17.13
CA ILE B 39 23.63 -13.59 18.14
C ILE B 39 22.32 -13.03 18.62
N SER B 40 22.10 -13.03 19.93
CA SER B 40 20.86 -12.50 20.48
C SER B 40 21.08 -11.17 21.23
N CYS B 41 20.00 -10.34 21.32
CA CYS B 41 19.94 -9.07 22.05
C CYS B 41 18.76 -9.04 23.00
N LYS B 42 19.01 -8.67 24.23
CA LYS B 42 17.94 -8.53 25.19
C LYS B 42 17.49 -7.10 25.29
N MET B 43 16.29 -6.84 24.79
CA MET B 43 15.78 -5.49 24.77
C MET B 43 15.12 -5.17 26.09
N SER B 44 15.95 -5.08 27.11
CA SER B 44 15.52 -4.84 28.46
C SER B 44 15.27 -3.36 28.74
N GLY B 45 14.55 -3.11 29.84
CA GLY B 45 14.26 -1.79 30.37
C GLY B 45 12.89 -1.24 29.96
N ASP B 46 12.33 -1.79 28.89
CA ASP B 46 11.03 -1.41 28.36
C ASP B 46 10.40 -2.57 27.62
N SER B 47 9.09 -2.56 27.52
CA SER B 47 8.42 -3.57 26.72
C SER B 47 8.49 -3.17 25.26
N LEU B 48 8.21 -4.10 24.36
CA LEU B 48 8.28 -3.78 22.94
C LEU B 48 7.02 -3.14 22.45
N VAL B 49 6.83 -1.90 22.87
CA VAL B 49 5.66 -1.14 22.48
C VAL B 49 5.86 -0.67 21.06
N THR B 50 7.03 -0.12 20.81
CA THR B 50 7.42 0.36 19.52
C THR B 50 8.93 0.40 19.46
N THR B 51 9.57 -0.70 19.78
CA THR B 51 11.01 -0.71 19.79
C THR B 51 11.55 -1.44 18.59
N TRP B 52 12.20 -0.70 17.73
CA TRP B 52 12.77 -1.22 16.51
C TRP B 52 14.18 -1.62 16.79
N ILE B 53 14.67 -2.61 16.09
CA ILE B 53 16.06 -2.96 16.33
C ILE B 53 16.72 -3.39 15.06
N GLY B 54 18.01 -3.22 15.00
CA GLY B 54 18.76 -3.67 13.85
C GLY B 54 20.20 -3.91 14.15
N TRP B 55 20.93 -4.25 13.11
CA TRP B 55 22.32 -4.60 13.25
C TRP B 55 23.23 -3.83 12.33
N VAL B 56 24.42 -3.54 12.87
CA VAL B 56 25.52 -2.88 12.19
C VAL B 56 26.82 -3.68 12.34
N ARG B 57 27.50 -3.94 11.24
CA ARG B 57 28.75 -4.68 11.34
C ARG B 57 29.98 -3.82 11.23
N GLN B 58 31.00 -4.19 12.00
CA GLN B 58 32.29 -3.54 11.87
C GLN B 58 33.42 -4.56 11.77
N LYS B 59 33.96 -4.72 10.57
CA LYS B 59 35.04 -5.67 10.40
C LYS B 59 36.24 -5.03 11.05
N PRO B 60 37.22 -5.76 11.55
CA PRO B 60 38.36 -5.16 12.19
C PRO B 60 39.03 -4.18 11.26
N GLY B 61 39.28 -2.97 11.76
CA GLY B 61 39.96 -1.94 10.98
C GLY B 61 39.06 -1.22 9.98
N GLN B 62 37.78 -1.58 9.94
CA GLN B 62 36.85 -1.00 8.99
C GLN B 62 35.82 -0.08 9.59
N GLY B 63 35.00 0.49 8.70
CA GLY B 63 33.94 1.40 9.12
C GLY B 63 32.70 0.59 9.40
N LEU B 64 31.56 1.23 9.40
CA LEU B 64 30.35 0.54 9.77
C LEU B 64 29.56 0.12 8.56
N GLU B 65 28.94 -1.03 8.63
CA GLU B 65 28.08 -1.51 7.55
C GLU B 65 26.67 -1.73 8.06
N TRP B 66 25.70 -1.16 7.39
CA TRP B 66 24.34 -1.41 7.84
C TRP B 66 23.96 -2.81 7.42
N MET B 67 23.46 -3.65 8.34
CA MET B 67 23.08 -4.98 7.92
C MET B 67 21.60 -5.06 7.66
N GLY B 68 20.83 -4.52 8.58
CA GLY B 68 19.38 -4.55 8.44
C GLY B 68 18.64 -4.23 9.72
N ILE B 69 17.33 -4.02 9.59
CA ILE B 69 16.46 -3.71 10.72
C ILE B 69 15.23 -4.59 10.71
N ILE B 70 14.55 -4.68 11.85
CA ILE B 70 13.27 -5.37 11.89
C ILE B 70 12.21 -4.57 12.62
N ASN B 71 11.00 -4.66 12.05
CA ASN B 71 9.76 -4.07 12.48
C ASN B 71 9.03 -4.86 13.53
N PRO B 72 8.90 -4.38 14.77
CA PRO B 72 8.25 -5.04 15.89
C PRO B 72 6.74 -4.91 15.81
N GLY B 73 6.26 -4.08 14.90
CA GLY B 73 4.85 -3.76 14.83
C GLY B 73 4.10 -4.54 13.77
N ASP B 74 3.02 -3.95 13.30
CA ASP B 74 2.12 -4.53 12.33
C ASP B 74 2.42 -4.05 10.91
N SER B 75 1.52 -4.38 9.99
CA SER B 75 1.66 -4.09 8.58
C SER B 75 1.68 -2.60 8.23
N SER B 76 1.29 -1.73 9.16
CA SER B 76 1.26 -0.31 8.87
C SER B 76 2.62 0.30 8.72
N THR B 77 3.65 -0.33 9.29
CA THR B 77 4.94 0.29 9.19
C THR B 77 6.02 -0.64 8.73
N ASN B 78 6.20 -0.62 7.43
CA ASN B 78 7.21 -1.52 6.84
C ASN B 78 8.11 -0.62 6.01
N ILE B 79 8.66 0.37 6.66
CA ILE B 79 9.48 1.32 5.88
C ILE B 79 8.54 1.86 4.81
N TYR B 80 8.95 2.08 3.54
CA TYR B 80 8.10 2.74 2.50
C TYR B 80 7.38 1.70 1.63
N PRO B 81 8.04 0.67 1.00
CA PRO B 81 7.38 -0.28 0.11
C PRO B 81 6.11 -0.81 0.78
N GLY B 82 6.10 -0.99 2.10
CA GLY B 82 4.84 -1.32 2.80
C GLY B 82 4.57 -2.78 3.00
N ASP B 83 5.54 -3.64 2.85
CA ASP B 83 5.41 -5.07 2.95
C ASP B 83 6.41 -5.75 3.89
N SER B 84 7.68 -5.75 3.55
CA SER B 84 8.64 -6.47 4.36
C SER B 84 8.92 -5.82 5.69
N ALA B 85 8.89 -6.63 6.73
CA ALA B 85 9.18 -6.21 8.08
C ALA B 85 10.68 -6.21 8.33
N THR B 86 11.42 -6.69 7.36
CA THR B 86 12.85 -6.81 7.48
C THR B 86 13.60 -6.29 6.27
N ARG B 87 14.00 -5.04 6.31
CA ARG B 87 14.76 -4.51 5.20
C ARG B 87 16.24 -4.66 5.55
N TYR B 88 17.03 -4.99 4.53
CA TYR B 88 18.45 -5.24 4.67
C TYR B 88 19.28 -4.37 3.78
N GLY B 89 20.55 -4.19 4.16
CA GLY B 89 21.47 -3.47 3.32
C GLY B 89 21.75 -4.35 2.12
N PRO B 90 22.38 -3.84 1.07
CA PRO B 90 22.62 -4.53 -0.19
C PRO B 90 23.48 -5.79 -0.15
N SER B 91 24.31 -5.94 0.87
CA SER B 91 25.15 -7.13 0.94
C SER B 91 24.51 -8.22 1.79
N PHE B 92 23.35 -7.91 2.34
CA PHE B 92 22.68 -8.79 3.27
C PHE B 92 21.31 -9.20 2.79
N GLN B 93 21.09 -9.17 1.49
CA GLN B 93 19.79 -9.46 0.92
C GLN B 93 19.47 -10.93 0.83
N GLY B 94 19.20 -11.51 1.99
CA GLY B 94 18.89 -12.92 2.13
C GLY B 94 20.05 -13.74 2.65
N GLN B 95 21.24 -13.16 2.72
CA GLN B 95 22.39 -13.89 3.23
C GLN B 95 22.32 -14.09 4.73
N VAL B 96 21.75 -13.13 5.44
CA VAL B 96 21.66 -13.22 6.89
C VAL B 96 20.22 -12.90 7.27
N THR B 97 19.73 -13.51 8.33
CA THR B 97 18.38 -13.25 8.80
C THR B 97 18.32 -12.40 10.06
N ILE B 98 17.44 -11.41 10.05
CA ILE B 98 17.17 -10.61 11.24
C ILE B 98 15.74 -10.81 11.67
N SER B 99 15.54 -11.12 12.94
CA SER B 99 14.18 -11.34 13.45
C SER B 99 14.01 -10.97 14.93
N ILE B 100 12.77 -10.77 15.35
CA ILE B 100 12.46 -10.48 16.75
C ILE B 100 11.47 -11.45 17.37
N ASP B 101 11.83 -11.99 18.52
CA ASP B 101 10.98 -12.84 19.33
C ASP B 101 10.27 -11.94 20.31
N LYS B 102 8.98 -11.73 20.06
CA LYS B 102 8.22 -10.77 20.84
C LYS B 102 7.82 -11.27 22.21
N SER B 103 7.95 -12.58 22.46
CA SER B 103 7.53 -13.10 23.75
C SER B 103 8.69 -13.02 24.73
N THR B 104 9.91 -13.01 24.18
CA THR B 104 11.12 -12.98 24.99
C THR B 104 11.87 -11.66 24.90
N SER B 105 11.30 -10.70 24.19
CA SER B 105 11.90 -9.38 23.95
C SER B 105 13.32 -9.53 23.44
N THR B 106 13.51 -10.45 22.50
CA THR B 106 14.85 -10.70 22.02
C THR B 106 15.03 -10.56 20.51
N ALA B 107 16.05 -9.81 20.12
CA ALA B 107 16.33 -9.65 18.70
C ALA B 107 17.44 -10.60 18.32
N TYR B 108 17.40 -11.12 17.09
CA TYR B 108 18.43 -12.03 16.65
C TYR B 108 18.99 -11.71 15.28
N LEU B 109 20.27 -12.03 15.13
CA LEU B 109 20.94 -12.01 13.85
C LEU B 109 21.42 -13.43 13.59
N GLN B 110 21.05 -14.00 12.46
CA GLN B 110 21.44 -15.38 12.23
C GLN B 110 21.97 -15.74 10.86
N TRP B 111 22.99 -16.56 10.88
CA TRP B 111 23.61 -17.09 9.69
C TRP B 111 23.29 -18.56 9.60
N ASN B 112 22.94 -19.02 8.41
CA ASN B 112 22.67 -20.45 8.21
C ASN B 112 23.82 -21.14 7.52
N ASN B 113 24.89 -20.38 7.34
CA ASN B 113 26.15 -20.76 6.74
C ASN B 113 27.12 -19.67 7.08
N VAL B 114 28.01 -19.94 7.99
CA VAL B 114 28.92 -18.93 8.45
C VAL B 114 30.14 -18.89 7.55
N LYS B 115 30.50 -17.72 7.03
CA LYS B 115 31.68 -17.69 6.17
C LYS B 115 32.86 -17.16 6.93
N ALA B 116 34.06 -17.44 6.45
CA ALA B 116 35.29 -16.96 7.08
C ALA B 116 35.36 -15.43 7.09
N SER B 117 34.65 -14.80 6.18
CA SER B 117 34.64 -13.35 6.08
C SER B 117 33.67 -12.70 7.08
N ASP B 118 32.77 -13.48 7.67
CA ASP B 118 31.76 -12.93 8.58
C ASP B 118 32.28 -12.82 9.98
N THR B 119 33.24 -11.96 10.17
CA THR B 119 33.90 -11.81 11.44
C THR B 119 33.90 -10.38 11.89
N GLY B 120 34.33 -10.17 13.12
CA GLY B 120 34.43 -8.82 13.64
C GLY B 120 33.33 -8.54 14.63
N ILE B 121 33.00 -7.27 14.77
CA ILE B 121 32.07 -6.89 15.80
C ILE B 121 30.70 -6.61 15.26
N TYR B 122 29.74 -7.27 15.85
CA TYR B 122 28.37 -7.08 15.47
C TYR B 122 27.66 -6.29 16.51
N TYR B 123 27.23 -5.11 16.12
CA TYR B 123 26.56 -4.28 17.07
C TYR B 123 25.08 -4.39 16.85
N CYS B 124 24.33 -4.43 17.94
CA CYS B 124 22.89 -4.46 17.95
C CYS B 124 22.48 -3.11 18.49
N ALA B 125 21.54 -2.46 17.84
CA ALA B 125 21.14 -1.15 18.31
C ALA B 125 19.68 -0.85 18.04
N ARG B 126 19.12 0.01 18.88
CA ARG B 126 17.77 0.47 18.72
C ARG B 126 17.72 1.43 17.56
N HIS B 127 16.75 1.18 16.71
CA HIS B 127 16.54 1.95 15.50
C HIS B 127 15.45 2.97 15.74
N VAL B 128 15.64 4.16 15.20
CA VAL B 128 14.69 5.22 15.35
C VAL B 128 14.17 5.73 14.02
N PRO B 129 13.06 5.18 13.50
CA PRO B 129 12.43 5.46 12.22
C PRO B 129 11.99 6.89 12.17
N VAL B 130 11.89 7.43 10.98
CA VAL B 130 11.40 8.80 10.81
C VAL B 130 10.13 8.73 9.97
N PRO B 131 9.03 9.37 10.31
CA PRO B 131 7.77 9.32 9.57
C PRO B 131 7.88 9.74 8.13
N ILE B 132 7.01 9.14 7.32
CA ILE B 132 6.90 9.43 5.89
C ILE B 132 6.58 10.87 5.65
N SER B 133 7.23 11.45 4.67
CA SER B 133 7.01 12.84 4.33
C SER B 133 7.04 13.06 2.84
N GLY B 134 6.55 14.20 2.42
CA GLY B 134 6.50 14.54 1.01
C GLY B 134 5.14 14.09 0.55
N THR B 135 4.97 13.81 -0.71
CA THR B 135 3.66 13.45 -1.18
C THR B 135 3.45 11.94 -1.19
N PHE B 136 2.41 11.51 -0.51
CA PHE B 136 2.07 10.10 -0.34
C PHE B 136 0.58 9.85 -0.23
N LEU B 137 0.17 8.59 -0.31
CA LEU B 137 -1.24 8.25 -0.26
C LEU B 137 -1.75 7.90 1.14
N TRP B 138 -3.03 8.05 1.33
CA TRP B 138 -3.71 7.73 2.58
C TRP B 138 -3.30 6.41 3.19
N ARG B 139 -3.29 5.38 2.40
CA ARG B 139 -3.03 4.03 2.87
C ARG B 139 -1.64 3.81 3.46
N GLU B 140 -0.71 4.71 3.17
CA GLU B 140 0.66 4.62 3.64
C GLU B 140 0.98 5.75 4.59
N ARG B 141 -0.03 6.46 5.05
CA ARG B 141 0.23 7.60 5.93
C ARG B 141 0.92 7.27 7.24
N GLU B 142 0.79 6.04 7.72
CA GLU B 142 1.42 5.67 8.97
C GLU B 142 2.83 5.12 8.77
N MET B 143 3.26 5.01 7.53
CA MET B 143 4.56 4.44 7.22
C MET B 143 5.70 5.36 7.57
N HIS B 144 6.86 4.77 7.69
CA HIS B 144 8.09 5.44 8.07
C HIS B 144 9.19 5.19 7.09
N ASP B 145 10.12 6.07 7.08
CA ASP B 145 11.31 5.92 6.31
C ASP B 145 12.36 5.31 7.21
N PHE B 146 13.55 5.07 6.68
CA PHE B 146 14.62 4.54 7.49
C PHE B 146 15.10 5.54 8.50
N GLY B 147 15.40 5.09 9.69
CA GLY B 147 15.87 5.98 10.73
C GLY B 147 17.34 5.85 11.06
N TYR B 148 17.68 6.26 12.27
CA TYR B 148 19.06 6.22 12.75
C TYR B 148 19.23 5.33 13.95
N PHE B 149 20.44 5.16 14.44
CA PHE B 149 20.65 4.28 15.58
C PHE B 149 20.99 5.05 16.84
N ASP B 150 20.19 4.85 17.86
CA ASP B 150 20.28 5.60 19.12
C ASP B 150 20.92 4.77 20.25
N ASP B 151 20.20 3.81 20.83
CA ASP B 151 20.81 3.01 21.89
C ASP B 151 21.60 1.83 21.36
N TRP B 152 22.91 1.85 21.58
CA TRP B 152 23.76 0.78 21.07
C TRP B 152 24.13 -0.18 22.18
N GLY B 153 24.24 -1.45 21.84
CA GLY B 153 24.68 -2.47 22.76
C GLY B 153 26.19 -2.45 22.78
N GLN B 154 26.79 -3.41 23.44
CA GLN B 154 28.24 -3.39 23.55
C GLN B 154 29.01 -3.90 22.34
N GLY B 155 28.40 -4.70 21.46
CA GLY B 155 29.11 -5.27 20.34
C GLY B 155 29.61 -6.67 20.67
N THR B 156 29.32 -7.66 19.84
CA THR B 156 29.82 -8.98 20.15
C THR B 156 30.85 -9.38 19.14
N LEU B 157 31.75 -10.24 19.54
CA LEU B 157 32.79 -10.70 18.64
C LEU B 157 32.56 -12.05 18.03
N VAL B 158 32.67 -12.08 16.72
CA VAL B 158 32.55 -13.30 15.97
C VAL B 158 33.85 -13.63 15.25
N ILE B 159 34.30 -14.85 15.49
CA ILE B 159 35.49 -15.35 14.83
C ILE B 159 35.14 -16.57 14.01
N VAL B 160 35.53 -16.58 12.75
CA VAL B 160 35.30 -17.74 11.93
C VAL B 160 36.61 -18.17 11.32
N SER B 161 36.99 -19.42 11.54
CA SER B 161 38.27 -19.87 11.01
C SER B 161 38.30 -21.39 10.92
N SER B 162 39.31 -21.95 10.22
CA SER B 162 39.54 -23.40 10.10
C SER B 162 40.63 -23.81 11.10
N LEU C 20 24.66 6.11 -2.47
CA LEU C 20 25.27 7.30 -1.89
C LEU C 20 26.56 6.97 -1.21
N THR C 21 27.66 7.45 -1.77
CA THR C 21 28.94 7.14 -1.22
C THR C 21 29.37 8.30 -0.38
N LEU C 22 28.82 8.37 0.81
CA LEU C 22 29.21 9.49 1.64
C LEU C 22 30.69 9.39 1.81
N THR C 23 31.37 10.50 1.59
CA THR C 23 32.80 10.52 1.78
C THR C 23 33.12 11.43 2.91
N GLN C 24 33.76 10.89 3.90
CA GLN C 24 34.09 11.69 5.04
C GLN C 24 35.55 11.98 4.94
N SER C 25 35.89 13.19 4.52
CA SER C 25 37.29 13.44 4.32
C SER C 25 37.84 14.78 4.77
N PRO C 26 37.88 15.04 6.08
CA PRO C 26 38.62 16.11 6.69
C PRO C 26 40.13 15.78 6.59
N GLY C 27 40.43 14.50 6.34
CA GLY C 27 41.79 14.00 6.20
C GLY C 27 42.43 13.34 7.41
N THR C 28 41.67 13.12 8.51
CA THR C 28 42.17 12.51 9.75
C THR C 28 43.01 13.58 10.43
N LEU C 29 42.31 14.42 11.15
CA LEU C 29 42.86 15.63 11.70
C LEU C 29 43.63 15.36 12.97
N SER C 30 44.61 16.21 13.22
CA SER C 30 45.40 16.16 14.44
C SER C 30 45.34 17.52 15.10
N LEU C 31 44.72 17.56 16.26
CA LEU C 31 44.47 18.80 16.98
C LEU C 31 44.95 18.78 18.40
N SER C 32 45.30 19.94 18.91
CA SER C 32 45.63 20.01 20.31
C SER C 32 44.31 20.14 21.06
N PRO C 33 44.15 19.57 22.25
CA PRO C 33 42.97 19.78 23.02
C PRO C 33 42.78 21.28 23.19
N GLY C 34 41.54 21.72 23.08
CA GLY C 34 41.12 23.09 23.18
C GLY C 34 40.86 23.70 21.81
N GLU C 35 41.35 23.07 20.76
CA GLU C 35 41.14 23.55 19.40
C GLU C 35 39.79 23.07 18.89
N ARG C 36 39.28 23.75 17.87
CA ARG C 36 38.01 23.36 17.29
C ARG C 36 38.19 22.37 16.15
N ALA C 37 37.58 21.19 16.26
CA ALA C 37 37.68 20.19 15.21
C ALA C 37 36.74 20.56 14.09
N THR C 38 37.13 20.28 12.86
CA THR C 38 36.27 20.55 11.73
C THR C 38 36.15 19.33 10.82
N LEU C 39 35.14 18.50 11.08
CA LEU C 39 34.94 17.24 10.36
C LEU C 39 33.97 17.37 9.20
N SER C 40 34.43 17.18 7.98
CA SER C 40 33.58 17.32 6.82
C SER C 40 32.92 16.01 6.42
N CYS C 41 31.80 16.07 5.66
CA CYS C 41 31.12 14.93 5.06
C CYS C 41 30.45 15.37 3.75
N ARG C 42 30.92 14.79 2.66
CA ARG C 42 30.47 15.11 1.31
C ARG C 42 29.54 14.06 0.72
N ALA C 43 28.33 14.47 0.41
CA ALA C 43 27.38 13.53 -0.17
C ALA C 43 27.56 13.45 -1.67
N SER C 44 27.27 12.30 -2.25
CA SER C 44 27.31 12.13 -3.69
C SER C 44 26.14 12.88 -4.34
N GLN C 45 24.99 12.79 -3.71
CA GLN C 45 23.79 13.43 -4.19
C GLN C 45 23.33 14.28 -3.04
N SER C 46 22.27 15.02 -3.21
CA SER C 46 21.75 15.80 -2.10
C SER C 46 21.20 14.87 -1.06
N VAL C 47 21.31 15.27 0.19
CA VAL C 47 20.71 14.52 1.26
C VAL C 47 19.27 14.94 1.28
N SER C 48 18.34 14.01 1.24
CA SER C 48 16.97 14.46 1.27
C SER C 48 16.78 15.15 2.58
N ASN C 49 16.15 16.31 2.57
CA ASN C 49 15.90 17.03 3.79
C ASN C 49 17.21 17.07 4.57
N ASN C 50 17.17 16.58 5.80
CA ASN C 50 18.34 16.55 6.64
C ASN C 50 18.39 15.25 7.38
N TYR C 51 18.84 14.20 6.71
CA TYR C 51 18.87 12.88 7.31
C TYR C 51 20.27 12.39 7.55
N LEU C 52 21.18 13.31 7.62
CA LEU C 52 22.55 12.96 7.90
C LEU C 52 22.69 12.91 9.40
N ALA C 53 23.60 12.11 9.90
CA ALA C 53 23.83 12.02 11.35
C ALA C 53 25.29 11.75 11.67
N TRP C 54 25.70 12.07 12.89
CA TRP C 54 27.07 11.83 13.32
C TRP C 54 27.17 10.98 14.58
N TYR C 55 28.19 10.13 14.59
CA TYR C 55 28.54 9.23 15.68
C TYR C 55 29.98 9.34 16.15
N GLN C 56 30.19 9.08 17.44
CA GLN C 56 31.53 9.05 18.04
C GLN C 56 31.89 7.67 18.57
N GLN C 57 32.93 7.07 18.04
CA GLN C 57 33.34 5.76 18.50
C GLN C 57 34.66 5.77 19.23
N LYS C 58 34.60 5.55 20.52
CA LYS C 58 35.82 5.52 21.27
C LYS C 58 36.39 4.16 20.98
N PRO C 59 37.69 3.96 20.90
CA PRO C 59 38.25 2.67 20.65
C PRO C 59 37.76 1.69 21.69
N GLY C 60 37.36 0.51 21.23
CA GLY C 60 36.88 -0.53 22.11
C GLY C 60 35.41 -0.40 22.48
N GLN C 61 34.73 0.62 21.97
CA GLN C 61 33.33 0.84 22.33
C GLN C 61 32.40 0.96 21.15
N ALA C 62 31.12 0.66 21.38
CA ALA C 62 30.11 0.89 20.37
C ALA C 62 30.01 2.38 20.16
N PRO C 63 29.71 2.87 18.98
CA PRO C 63 29.58 4.27 18.71
C PRO C 63 28.39 4.87 19.42
N ARG C 64 28.56 6.12 19.82
CA ARG C 64 27.51 6.90 20.44
C ARG C 64 26.94 7.93 19.47
N LEU C 65 25.64 8.10 19.50
CA LEU C 65 25.00 9.11 18.65
C LEU C 65 25.28 10.48 19.18
N LEU C 66 25.76 11.36 18.33
CA LEU C 66 26.04 12.71 18.75
C LEU C 66 24.99 13.65 18.23
N ILE C 67 24.81 13.58 16.92
CA ILE C 67 23.94 14.46 16.19
C ILE C 67 22.98 13.67 15.35
N TYR C 68 21.71 14.01 15.39
CA TYR C 68 20.77 13.35 14.50
C TYR C 68 20.13 14.44 13.68
N GLY C 69 19.86 14.13 12.45
CA GLY C 69 19.34 15.15 11.58
C GLY C 69 20.61 15.91 11.28
N ALA C 70 20.57 16.96 10.51
CA ALA C 70 21.84 17.61 10.25
C ALA C 70 22.45 18.20 11.51
N SER C 71 21.63 18.69 12.43
CA SER C 71 22.19 19.38 13.57
C SER C 71 21.57 19.14 14.95
N SER C 72 20.58 18.27 15.13
CA SER C 72 20.01 18.20 16.47
C SER C 72 20.93 17.41 17.38
N ARG C 73 21.19 17.97 18.54
CA ARG C 73 22.07 17.29 19.45
C ARG C 73 21.33 16.24 20.24
N ALA C 74 21.96 15.09 20.39
CA ALA C 74 21.42 13.99 21.16
C ALA C 74 21.56 14.26 22.65
N THR C 75 20.71 13.64 23.43
CA THR C 75 20.73 13.79 24.86
C THR C 75 22.03 13.29 25.45
N GLY C 76 22.61 14.10 26.33
CA GLY C 76 23.84 13.75 27.02
C GLY C 76 25.09 14.16 26.27
N ILE C 77 24.91 14.79 25.13
CA ILE C 77 26.03 15.19 24.32
C ILE C 77 26.41 16.64 24.64
N PRO C 78 27.70 16.94 24.91
CA PRO C 78 28.21 18.26 25.18
C PRO C 78 27.93 19.21 24.05
N ASP C 79 27.79 20.49 24.39
CA ASP C 79 27.49 21.58 23.48
C ASP C 79 28.64 21.85 22.54
N ARG C 80 29.76 21.22 22.82
CA ARG C 80 30.94 21.32 22.01
C ARG C 80 30.59 20.83 20.63
N PHE C 81 29.70 19.83 20.57
CA PHE C 81 29.34 19.23 19.31
C PHE C 81 28.23 20.01 18.64
N SER C 82 28.53 20.54 17.47
CA SER C 82 27.60 21.33 16.69
C SER C 82 27.54 20.87 15.26
N GLY C 83 26.38 20.38 14.85
CA GLY C 83 26.26 19.90 13.48
C GLY C 83 25.68 20.99 12.61
N SER C 84 26.00 20.93 11.32
CA SER C 84 25.43 21.86 10.36
C SER C 84 25.53 21.31 8.96
N GLY C 85 24.85 21.95 8.02
CA GLY C 85 24.95 21.54 6.63
C GLY C 85 23.62 21.41 5.93
N SER C 86 23.71 21.29 4.61
CA SER C 86 22.56 21.16 3.72
C SER C 86 23.03 20.65 2.37
N GLY C 87 22.09 20.20 1.52
CA GLY C 87 22.51 19.83 0.19
C GLY C 87 23.46 18.66 0.29
N THR C 88 24.68 18.85 -0.18
CA THR C 88 25.69 17.81 -0.16
C THR C 88 26.81 18.12 0.81
N GLY C 89 26.77 19.31 1.43
CA GLY C 89 27.85 19.77 2.30
C GLY C 89 27.50 19.78 3.79
N PHE C 90 28.06 18.82 4.52
CA PHE C 90 27.80 18.69 5.95
C PHE C 90 29.04 18.68 6.80
N THR C 91 28.88 19.11 8.04
CA THR C 91 30.01 19.09 8.94
C THR C 91 29.66 18.95 10.42
N LEU C 92 30.61 18.41 11.16
CA LEU C 92 30.55 18.36 12.61
C LEU C 92 31.69 19.16 13.18
N ILE C 93 31.32 20.14 13.98
CA ILE C 93 32.29 20.99 14.58
C ILE C 93 32.39 20.71 16.05
N ILE C 94 33.60 20.51 16.55
CA ILE C 94 33.71 20.26 17.98
C ILE C 94 34.52 21.36 18.59
N SER C 95 33.88 22.30 19.26
CA SER C 95 34.64 23.42 19.80
C SER C 95 35.31 22.94 21.05
N ARG C 96 36.38 23.60 21.47
CA ARG C 96 37.02 23.26 22.73
C ARG C 96 37.22 21.76 22.84
N LEU C 97 37.80 21.14 21.83
CA LEU C 97 37.95 19.70 21.81
C LEU C 97 38.65 19.17 23.04
N GLU C 98 38.07 18.18 23.73
CA GLU C 98 38.70 17.67 24.95
C GLU C 98 39.43 16.35 24.69
N PRO C 99 40.40 15.93 25.51
CA PRO C 99 41.10 14.66 25.38
C PRO C 99 40.14 13.48 25.20
N GLU C 100 38.99 13.56 25.84
CA GLU C 100 37.98 12.51 25.79
C GLU C 100 37.33 12.37 24.42
N ASP C 101 37.50 13.36 23.57
CA ASP C 101 36.89 13.39 22.26
C ASP C 101 37.82 12.92 21.17
N PHE C 102 39.01 12.44 21.50
CA PHE C 102 39.88 12.02 20.40
C PHE C 102 39.57 10.57 19.98
N ALA C 103 38.41 10.45 19.36
CA ALA C 103 37.69 9.25 18.93
C ALA C 103 37.55 9.20 17.43
N VAL C 104 36.97 8.11 16.94
CA VAL C 104 36.69 8.02 15.53
C VAL C 104 35.32 8.58 15.26
N TYR C 105 35.22 9.47 14.32
CA TYR C 105 33.93 10.01 14.03
C TYR C 105 33.42 9.48 12.76
N TYR C 106 32.13 9.29 12.71
CA TYR C 106 31.50 8.84 11.49
C TYR C 106 30.29 9.70 11.16
N CYS C 107 30.08 9.94 9.86
CA CYS C 107 28.84 10.52 9.34
C CYS C 107 28.11 9.35 8.69
N GLN C 108 26.79 9.43 8.69
CA GLN C 108 26.02 8.43 7.99
C GLN C 108 24.73 9.06 7.52
N GLN C 109 23.91 8.30 6.83
CA GLN C 109 22.65 8.81 6.33
C GLN C 109 21.51 7.83 6.42
N TYR C 110 20.35 8.36 6.76
CA TYR C 110 19.13 7.58 6.82
C TYR C 110 18.07 8.14 5.91
N GLY C 111 18.25 7.98 4.62
CA GLY C 111 17.33 8.55 3.66
C GLY C 111 16.32 7.53 3.21
N SER C 112 15.63 7.83 2.12
CA SER C 112 14.56 7.03 1.55
C SER C 112 14.89 5.70 0.88
N SER C 113 16.13 5.49 0.43
CA SER C 113 16.39 4.23 -0.24
C SER C 113 17.11 3.22 0.63
N SER C 114 18.07 3.70 1.40
CA SER C 114 18.89 2.86 2.24
C SER C 114 19.63 3.65 3.29
N ILE C 115 20.21 2.91 4.23
CA ILE C 115 21.06 3.48 5.23
C ILE C 115 22.49 3.22 4.82
N THR C 116 23.28 4.27 4.82
CA THR C 116 24.67 4.18 4.40
C THR C 116 25.57 4.89 5.37
N PHE C 117 26.82 4.43 5.48
CA PHE C 117 27.81 5.04 6.37
C PHE C 117 29.03 5.52 5.63
N GLY C 118 29.71 6.52 6.19
CA GLY C 118 30.97 7.01 5.66
C GLY C 118 32.09 6.11 6.15
N GLN C 119 33.33 6.49 5.90
CA GLN C 119 34.45 5.64 6.26
C GLN C 119 34.84 5.85 7.70
N GLY C 120 34.73 7.10 8.10
CA GLY C 120 35.08 7.56 9.42
C GLY C 120 36.51 8.05 9.48
N THR C 121 36.79 8.98 10.41
CA THR C 121 38.15 9.48 10.58
C THR C 121 38.48 9.59 12.05
N ARG C 122 39.77 9.58 12.37
CA ARG C 122 40.16 9.69 13.77
C ARG C 122 40.69 11.05 14.12
N LEU C 123 40.35 11.54 15.31
CA LEU C 123 41.03 12.74 15.75
C LEU C 123 42.23 12.32 16.58
N GLU C 124 43.38 12.81 16.16
CA GLU C 124 44.69 12.55 16.75
C GLU C 124 45.17 13.85 17.41
N ILE C 125 46.36 13.82 18.07
CA ILE C 125 47.00 14.99 18.71
C ILE C 125 48.41 15.08 18.13
N VAL D 22 -14.26 25.22 41.18
CA VAL D 22 -14.79 24.53 39.99
C VAL D 22 -15.46 23.16 40.33
N GLN D 23 -15.86 22.95 41.59
CA GLN D 23 -16.46 21.72 42.12
C GLN D 23 -17.85 21.32 41.64
N PHE D 24 -17.98 20.04 41.37
CA PHE D 24 -19.24 19.41 41.02
C PHE D 24 -19.73 18.72 42.27
N VAL D 25 -21.00 18.90 42.57
CA VAL D 25 -21.57 18.36 43.76
C VAL D 25 -22.72 17.42 43.52
N GLN D 26 -22.51 16.19 43.91
CA GLN D 26 -23.51 15.17 43.77
C GLN D 26 -24.23 15.09 45.07
N SER D 27 -25.48 14.66 45.02
CA SER D 27 -26.24 14.56 46.23
C SER D 27 -26.83 13.20 46.49
N GLY D 28 -26.36 12.62 47.58
CA GLY D 28 -26.79 11.33 48.04
C GLY D 28 -26.23 10.16 47.26
N ALA D 29 -26.91 9.04 47.47
CA ALA D 29 -26.64 7.72 46.94
C ALA D 29 -27.97 7.01 46.96
N GLU D 30 -28.13 5.98 46.15
CA GLU D 30 -29.40 5.26 46.18
C GLU D 30 -29.27 3.76 46.20
N VAL D 31 -30.21 3.13 46.87
CA VAL D 31 -30.31 1.68 46.87
C VAL D 31 -31.67 1.31 46.34
N LYS D 32 -31.71 0.55 45.26
CA LYS D 32 -32.99 0.17 44.69
C LYS D 32 -32.96 -1.28 44.25
N LYS D 33 -34.10 -1.91 44.22
CA LYS D 33 -34.17 -3.29 43.79
C LYS D 33 -34.15 -3.34 42.26
N PRO D 34 -33.78 -4.48 41.65
CA PRO D 34 -33.72 -4.64 40.21
C PRO D 34 -35.06 -4.26 39.59
N GLY D 35 -34.96 -3.55 38.48
CA GLY D 35 -36.11 -3.06 37.73
C GLY D 35 -36.47 -1.62 38.09
N ALA D 36 -35.96 -1.14 39.23
CA ALA D 36 -36.22 0.20 39.71
C ALA D 36 -35.37 1.25 39.03
N SER D 37 -35.88 2.46 38.91
CA SER D 37 -35.12 3.54 38.32
C SER D 37 -34.33 4.31 39.35
N VAL D 38 -33.30 5.00 38.88
CA VAL D 38 -32.50 5.88 39.75
C VAL D 38 -32.25 7.23 39.12
N LYS D 39 -31.91 8.22 39.96
CA LYS D 39 -31.56 9.52 39.43
C LYS D 39 -30.46 10.22 40.23
N VAL D 40 -29.49 10.72 39.50
CA VAL D 40 -28.36 11.43 40.05
C VAL D 40 -28.20 12.77 39.43
N SER D 41 -27.73 13.72 40.19
CA SER D 41 -27.50 15.00 39.59
C SER D 41 -26.24 15.61 40.15
N CYS D 42 -25.62 16.52 39.37
CA CYS D 42 -24.43 17.30 39.75
C CYS D 42 -24.68 18.78 39.60
N LYS D 43 -24.64 19.47 40.72
CA LYS D 43 -24.77 20.90 40.68
C LYS D 43 -23.36 21.33 40.48
N ALA D 44 -23.10 22.41 39.82
CA ALA D 44 -21.70 22.77 39.79
C ALA D 44 -21.52 24.23 39.97
N SER D 45 -20.41 24.57 40.60
CA SER D 45 -20.07 25.96 40.82
C SER D 45 -18.60 26.21 40.61
N GLY D 46 -18.20 27.45 40.81
CA GLY D 46 -16.80 27.84 40.67
C GLY D 46 -16.38 28.11 39.23
N TYR D 47 -17.36 28.10 38.32
CA TYR D 47 -17.11 28.31 36.92
C TYR D 47 -18.41 28.81 36.30
N THR D 48 -18.44 29.09 35.00
CA THR D 48 -19.68 29.58 34.39
C THR D 48 -20.60 28.50 33.90
N PHE D 49 -20.03 27.34 33.59
CA PHE D 49 -20.75 26.21 33.06
C PHE D 49 -21.45 26.52 31.76
N THR D 50 -20.85 27.42 31.00
CA THR D 50 -21.31 27.79 29.68
C THR D 50 -20.25 27.47 28.62
N ARG D 51 -19.07 27.07 29.08
CA ARG D 51 -17.93 26.87 28.21
C ARG D 51 -17.26 25.50 28.29
N HIS D 52 -18.01 24.50 28.67
CA HIS D 52 -17.45 23.16 28.71
C HIS D 52 -18.58 22.17 28.65
N ALA D 53 -18.28 20.91 28.38
CA ALA D 53 -19.36 19.91 28.40
C ALA D 53 -19.36 19.16 29.71
N ILE D 54 -20.50 18.60 30.07
CA ILE D 54 -20.53 17.74 31.24
C ILE D 54 -20.77 16.31 30.81
N HIS D 55 -19.84 15.45 31.19
CA HIS D 55 -19.85 14.04 30.84
C HIS D 55 -20.27 13.14 31.95
N TRP D 56 -20.88 12.01 31.61
CA TRP D 56 -21.16 11.00 32.61
C TRP D 56 -20.37 9.74 32.33
N VAL D 57 -19.72 9.26 33.39
CA VAL D 57 -18.89 8.07 33.40
C VAL D 57 -19.25 7.13 34.54
N ARG D 58 -19.42 5.87 34.22
CA ARG D 58 -19.75 4.85 35.20
C ARG D 58 -18.58 3.98 35.55
N GLN D 59 -18.50 3.52 36.78
CA GLN D 59 -17.47 2.54 37.07
C GLN D 59 -17.97 1.44 37.98
N ALA D 60 -18.11 0.23 37.44
CA ALA D 60 -18.58 -0.86 38.28
C ALA D 60 -17.41 -1.16 39.20
N PRO D 61 -17.59 -1.69 40.41
CA PRO D 61 -16.49 -1.94 41.30
C PRO D 61 -15.48 -2.83 40.63
N GLY D 62 -14.21 -2.41 40.64
CA GLY D 62 -13.14 -3.21 40.07
C GLY D 62 -13.06 -3.13 38.56
N GLN D 63 -13.91 -2.33 37.95
CA GLN D 63 -13.99 -2.23 36.51
C GLN D 63 -13.52 -0.95 35.89
N ARG D 64 -13.59 -0.95 34.56
CA ARG D 64 -13.21 0.14 33.71
C ARG D 64 -14.11 1.32 33.85
N LEU D 65 -13.56 2.48 33.60
CA LEU D 65 -14.38 3.65 33.52
C LEU D 65 -15.20 3.43 32.25
N GLU D 66 -16.48 3.67 32.29
CA GLU D 66 -17.34 3.47 31.14
C GLU D 66 -18.03 4.74 30.72
N TRP D 67 -17.98 4.98 29.43
CA TRP D 67 -18.61 6.16 28.88
C TRP D 67 -20.10 6.00 28.71
N MET D 68 -20.89 6.95 29.23
CA MET D 68 -22.32 6.85 29.05
C MET D 68 -22.89 7.86 28.06
N GLY D 69 -22.30 9.04 28.02
CA GLY D 69 -22.80 10.14 27.21
C GLY D 69 -22.44 11.50 27.79
N TRP D 70 -22.95 12.56 27.16
CA TRP D 70 -22.63 13.92 27.58
C TRP D 70 -23.64 14.97 27.16
N ILE D 71 -23.61 16.10 27.85
CA ILE D 71 -24.50 17.23 27.58
C ILE D 71 -23.83 18.59 27.45
N ASN D 72 -24.34 19.36 26.51
CA ASN D 72 -23.94 20.72 26.22
C ASN D 72 -24.76 21.69 27.07
N PRO D 73 -24.17 22.40 28.04
CA PRO D 73 -24.88 23.31 28.88
C PRO D 73 -25.51 24.38 28.02
N GLY D 74 -26.67 24.86 28.43
CA GLY D 74 -27.32 25.91 27.67
C GLY D 74 -28.14 25.36 26.52
N ASN D 75 -27.46 24.72 25.56
CA ASN D 75 -28.16 24.14 24.42
C ASN D 75 -29.00 22.93 24.79
N GLY D 76 -28.53 22.14 25.74
CA GLY D 76 -29.25 20.95 26.18
C GLY D 76 -28.98 19.76 25.28
N ASN D 77 -28.15 19.98 24.29
CA ASN D 77 -27.81 18.97 23.32
C ASN D 77 -27.12 17.83 24.04
N ALA D 78 -27.52 16.61 23.77
CA ALA D 78 -26.86 15.51 24.43
C ALA D 78 -26.75 14.31 23.54
N LYS D 79 -25.71 13.54 23.81
CA LYS D 79 -25.42 12.33 23.06
C LYS D 79 -25.24 11.18 24.02
N TYR D 80 -25.55 9.97 23.56
CA TYR D 80 -25.42 8.81 24.41
C TYR D 80 -24.67 7.70 23.76
N SER D 81 -24.02 6.89 24.58
CA SER D 81 -23.37 5.69 24.12
C SER D 81 -24.47 4.80 23.65
N GLN D 82 -24.23 3.99 22.63
CA GLN D 82 -25.32 3.12 22.18
C GLN D 82 -25.77 2.16 23.27
N LYS D 83 -24.89 1.83 24.22
CA LYS D 83 -25.21 0.91 25.30
C LYS D 83 -26.34 1.39 26.17
N PHE D 84 -26.45 2.70 26.34
CA PHE D 84 -27.46 3.23 27.20
C PHE D 84 -28.46 4.01 26.40
N GLN D 85 -28.46 3.87 25.09
CA GLN D 85 -29.34 4.73 24.32
C GLN D 85 -30.80 4.51 24.66
N GLY D 86 -31.16 3.26 24.95
CA GLY D 86 -32.52 2.93 25.30
C GLY D 86 -32.74 2.87 26.81
N ARG D 87 -31.73 3.26 27.59
CA ARG D 87 -31.82 3.14 29.03
C ARG D 87 -31.73 4.46 29.77
N VAL D 88 -30.99 5.43 29.24
CA VAL D 88 -30.78 6.62 30.03
C VAL D 88 -31.11 7.88 29.30
N THR D 89 -31.26 8.93 30.08
CA THR D 89 -31.42 10.24 29.50
C THR D 89 -30.81 11.25 30.43
N ILE D 90 -30.33 12.36 29.88
CA ILE D 90 -29.79 13.38 30.74
C ILE D 90 -30.35 14.73 30.36
N THR D 91 -30.43 15.62 31.31
CA THR D 91 -30.91 16.97 31.05
C THR D 91 -30.19 17.99 31.91
N ARG D 92 -30.48 19.26 31.68
CA ARG D 92 -29.90 20.29 32.54
C ARG D 92 -30.90 21.36 32.90
N ASP D 93 -30.92 21.70 34.18
CA ASP D 93 -31.73 22.79 34.68
C ASP D 93 -30.77 23.97 34.70
N THR D 94 -30.79 24.74 33.62
CA THR D 94 -29.79 25.77 33.43
C THR D 94 -29.65 26.74 34.61
N PRO D 95 -30.72 27.36 35.16
CA PRO D 95 -30.63 28.32 36.25
C PRO D 95 -30.24 27.69 37.57
N ALA D 96 -30.28 26.36 37.64
CA ALA D 96 -29.96 25.66 38.86
C ALA D 96 -28.52 25.17 38.79
N SER D 97 -27.90 25.42 37.65
CA SER D 97 -26.58 24.95 37.34
C SER D 97 -26.44 23.46 37.59
N THR D 98 -27.47 22.68 37.22
CA THR D 98 -27.43 21.25 37.51
C THR D 98 -27.73 20.30 36.35
N VAL D 99 -26.89 19.28 36.22
CA VAL D 99 -27.10 18.22 35.23
C VAL D 99 -27.68 17.00 35.91
N TYR D 100 -28.70 16.47 35.30
CA TYR D 100 -29.39 15.33 35.85
C TYR D 100 -29.28 14.14 34.93
N MET D 101 -29.20 12.96 35.52
CA MET D 101 -29.20 11.71 34.78
C MET D 101 -30.13 10.68 35.35
N GLU D 102 -30.91 10.10 34.48
CA GLU D 102 -31.85 9.08 34.87
C GLU D 102 -31.51 7.77 34.24
N LEU D 103 -31.65 6.72 35.02
CA LEU D 103 -31.47 5.36 34.51
C LEU D 103 -32.85 4.75 34.64
N SER D 104 -33.43 4.30 33.53
CA SER D 104 -34.82 3.83 33.55
C SER D 104 -35.07 2.64 34.45
N SER D 105 -34.09 1.78 34.58
CA SER D 105 -34.20 0.63 35.44
C SER D 105 -32.82 0.10 35.75
N LEU D 106 -32.67 -0.57 36.87
CA LEU D 106 -31.41 -1.24 37.17
C LEU D 106 -31.46 -2.72 36.82
N ARG D 107 -30.35 -3.23 36.31
CA ARG D 107 -30.22 -4.63 35.93
C ARG D 107 -29.04 -5.38 36.55
N SER D 108 -28.66 -5.03 37.78
CA SER D 108 -27.54 -5.65 38.54
C SER D 108 -26.15 -5.23 38.04
N GLU D 109 -25.95 -5.33 36.74
CA GLU D 109 -24.71 -4.97 36.06
C GLU D 109 -24.44 -3.47 36.15
N ASP D 110 -25.45 -2.72 36.57
CA ASP D 110 -25.42 -1.28 36.70
C ASP D 110 -24.91 -0.84 38.06
N MET D 111 -24.59 -1.77 38.94
CA MET D 111 -24.12 -1.38 40.24
C MET D 111 -22.75 -0.73 40.11
N GLY D 112 -22.53 0.36 40.86
CA GLY D 112 -21.24 1.02 40.79
C GLY D 112 -21.28 2.48 41.15
N VAL D 113 -20.21 3.18 40.80
CA VAL D 113 -20.11 4.59 41.10
C VAL D 113 -20.29 5.41 39.85
N TYR D 114 -21.11 6.42 39.95
CA TYR D 114 -21.38 7.26 38.81
C TYR D 114 -20.82 8.65 38.99
N TYR D 115 -20.02 9.06 38.05
CA TYR D 115 -19.35 10.33 38.14
C TYR D 115 -19.80 11.24 37.01
N CYS D 116 -19.76 12.56 37.26
CA CYS D 116 -19.92 13.62 36.27
C CYS D 116 -18.53 14.27 36.14
N ALA D 117 -18.24 14.79 34.95
CA ALA D 117 -16.96 15.47 34.79
C ALA D 117 -16.97 16.57 33.73
N ARG D 118 -16.01 17.48 33.87
CA ARG D 118 -15.80 18.61 32.97
C ARG D 118 -14.91 18.35 31.78
N ASP D 119 -15.46 18.52 30.59
CA ASP D 119 -14.80 18.40 29.29
C ASP D 119 -14.32 19.77 28.94
N GLY D 120 -13.03 20.04 29.13
CA GLY D 120 -12.56 21.41 29.00
C GLY D 120 -12.57 21.88 27.55
N GLY D 121 -12.11 23.09 27.28
CA GLY D 121 -12.21 23.56 25.92
C GLY D 121 -11.27 22.78 25.07
N TYR D 122 -11.28 23.02 23.76
CA TYR D 122 -10.41 22.21 22.96
C TYR D 122 -9.06 22.89 22.87
N SER D 123 -8.45 23.09 24.03
CA SER D 123 -7.16 23.74 24.28
C SER D 123 -7.18 25.25 24.02
N HIS D 124 -8.26 25.75 23.41
CA HIS D 124 -8.52 27.14 22.99
C HIS D 124 -7.72 27.56 21.74
N ASP D 125 -6.46 27.15 21.68
CA ASP D 125 -5.59 27.40 20.54
C ASP D 125 -5.53 26.16 19.62
N TYR D 126 -6.40 25.20 19.91
CA TYR D 126 -6.56 23.96 19.16
C TYR D 126 -5.30 23.13 18.97
N SER D 127 -4.59 22.94 20.07
CA SER D 127 -3.37 22.16 20.13
C SER D 127 -3.64 20.70 20.50
N TYR D 128 -3.57 20.35 21.78
CA TYR D 128 -3.76 18.97 22.21
C TYR D 128 -5.06 18.61 22.92
N PHE D 129 -6.02 19.53 23.01
CA PHE D 129 -7.31 19.31 23.69
C PHE D 129 -7.22 19.25 25.22
N TYR D 130 -8.32 19.59 25.91
CA TYR D 130 -8.36 19.36 27.34
C TYR D 130 -9.31 18.22 27.67
N GLY D 131 -8.81 17.26 28.42
CA GLY D 131 -9.60 16.09 28.77
C GLY D 131 -10.43 16.36 30.00
N LEU D 132 -10.76 15.33 30.76
CA LEU D 132 -11.61 15.55 31.91
C LEU D 132 -10.78 15.84 33.14
N ASP D 133 -10.69 17.12 33.49
CA ASP D 133 -9.83 17.56 34.58
C ASP D 133 -10.54 17.64 35.93
N VAL D 134 -11.81 17.87 35.87
CA VAL D 134 -12.60 18.00 37.08
C VAL D 134 -13.67 16.95 37.13
N TRP D 135 -13.63 16.17 38.19
CA TRP D 135 -14.59 15.11 38.38
C TRP D 135 -15.35 15.33 39.66
N GLY D 136 -16.62 14.94 39.68
CA GLY D 136 -17.37 15.02 40.93
C GLY D 136 -16.93 13.84 41.79
N PRO D 137 -17.28 13.80 43.07
CA PRO D 137 -16.94 12.75 44.02
C PRO D 137 -17.28 11.31 43.63
N GLY D 138 -18.40 11.15 42.95
CA GLY D 138 -18.92 9.88 42.53
C GLY D 138 -20.07 9.48 43.45
N THR D 139 -21.21 9.09 42.88
CA THR D 139 -22.34 8.69 43.72
C THR D 139 -22.45 7.20 43.66
N THR D 140 -22.87 6.59 44.73
CA THR D 140 -23.00 5.15 44.72
C THR D 140 -24.41 4.67 44.40
N VAL D 141 -24.48 3.76 43.44
CA VAL D 141 -25.72 3.15 43.04
C VAL D 141 -25.69 1.67 43.33
N ILE D 142 -26.59 1.25 44.20
CA ILE D 142 -26.71 -0.14 44.61
C ILE D 142 -28.01 -0.70 44.10
N VAL D 143 -27.95 -1.84 43.39
CA VAL D 143 -29.11 -2.51 42.81
C VAL D 143 -29.70 -3.41 43.91
N SER E 21 -13.40 -0.13 18.70
CA SER E 21 -12.89 -1.25 19.47
C SER E 21 -12.72 -0.89 20.98
N VAL E 22 -11.84 -1.62 21.71
CA VAL E 22 -11.52 -1.43 23.13
C VAL E 22 -10.03 -1.28 23.29
N LEU E 23 -9.63 -0.27 24.03
CA LEU E 23 -8.23 -0.03 24.26
C LEU E 23 -7.69 -1.12 25.15
N THR E 24 -6.50 -1.61 24.83
CA THR E 24 -5.90 -2.65 25.62
C THR E 24 -4.65 -2.17 26.30
N GLN E 25 -4.58 -2.42 27.58
CA GLN E 25 -3.45 -2.04 28.42
C GLN E 25 -3.31 -3.23 29.35
N PRO E 26 -2.13 -3.50 29.94
CA PRO E 26 -1.91 -4.64 30.81
C PRO E 26 -2.70 -4.50 32.10
N PRO E 27 -3.07 -5.59 32.77
CA PRO E 27 -3.75 -5.58 34.05
C PRO E 27 -2.89 -5.10 35.21
N SER E 28 -1.58 -5.15 35.08
CA SER E 28 -0.74 -4.73 36.18
C SER E 28 0.52 -4.08 35.69
N ALA E 29 1.03 -3.19 36.52
CA ALA E 29 2.28 -2.51 36.24
C ALA E 29 3.41 -3.40 36.65
N ALA E 30 4.57 -3.18 36.06
CA ALA E 30 5.76 -3.96 36.42
C ALA E 30 6.11 -3.78 37.89
N SER E 31 5.85 -2.59 38.41
CA SER E 31 6.17 -2.21 39.78
C SER E 31 7.64 -2.36 40.07
N GLY E 32 7.99 -2.40 41.34
CA GLY E 32 9.39 -2.37 41.73
C GLY E 32 9.57 -1.47 42.93
N THR E 33 10.80 -1.03 43.17
CA THR E 33 11.05 -0.21 44.33
C THR E 33 11.04 1.25 43.90
N PRO E 34 10.96 2.21 44.83
CA PRO E 34 11.12 3.60 44.56
C PRO E 34 12.48 3.75 43.91
N GLY E 35 12.57 4.71 43.01
CA GLY E 35 13.78 4.99 42.24
C GLY E 35 13.73 4.30 40.89
N GLN E 36 12.84 3.32 40.74
CA GLN E 36 12.66 2.57 39.52
C GLN E 36 11.68 3.26 38.59
N ARG E 37 11.86 3.08 37.28
CA ARG E 37 10.90 3.54 36.30
C ARG E 37 10.17 2.35 35.72
N VAL E 38 8.87 2.50 35.49
CA VAL E 38 8.11 1.46 34.80
C VAL E 38 7.32 2.05 33.65
N THR E 39 6.93 1.20 32.73
CA THR E 39 6.11 1.68 31.62
C THR E 39 4.81 0.93 31.53
N ILE E 40 3.74 1.69 31.42
CA ILE E 40 2.43 1.12 31.22
C ILE E 40 2.05 1.35 29.78
N SER E 41 1.97 0.27 29.04
CA SER E 41 1.66 0.37 27.62
C SER E 41 0.16 0.39 27.40
N CYS E 42 -0.25 0.80 26.18
CA CYS E 42 -1.62 0.77 25.69
C CYS E 42 -1.62 0.68 24.17
N SER E 43 -2.53 -0.09 23.63
CA SER E 43 -2.64 -0.22 22.20
C SER E 43 -4.07 -0.37 21.73
N GLY E 44 -4.27 -0.10 20.45
CA GLY E 44 -5.60 -0.22 19.85
C GLY E 44 -5.53 -0.16 18.35
N SER E 45 -6.61 0.27 17.72
CA SER E 45 -6.69 0.35 16.28
C SER E 45 -6.69 1.80 15.83
N SER E 46 -6.69 2.00 14.51
CA SER E 46 -6.71 3.31 13.91
C SER E 46 -8.05 4.02 14.10
N SER E 47 -9.08 3.30 14.53
CA SER E 47 -10.39 3.88 14.73
C SER E 47 -10.54 4.57 16.08
N ASN E 48 -9.56 4.41 16.97
CA ASN E 48 -9.69 5.01 18.28
C ASN E 48 -8.38 5.51 18.85
N ILE E 49 -7.48 4.61 19.21
CA ILE E 49 -6.24 5.03 19.82
C ILE E 49 -5.37 5.74 18.80
N GLY E 50 -5.42 5.31 17.54
CA GLY E 50 -4.64 5.96 16.51
C GLY E 50 -5.37 7.22 16.13
N GLY E 51 -4.64 8.25 15.76
CA GLY E 51 -5.29 9.48 15.42
C GLY E 51 -5.76 10.03 16.73
N ASN E 52 -6.63 11.01 16.70
CA ASN E 52 -7.13 11.59 17.93
C ASN E 52 -6.01 11.90 18.90
N PHE E 53 -6.14 11.38 20.10
CA PHE E 53 -5.19 11.56 21.17
C PHE E 53 -5.51 10.53 22.21
N VAL E 54 -4.59 10.23 23.11
CA VAL E 54 -4.93 9.29 24.16
C VAL E 54 -4.76 9.88 25.54
N ASP E 55 -5.83 10.07 26.26
CA ASP E 55 -5.72 10.64 27.59
C ASP E 55 -5.20 9.58 28.53
N TRP E 56 -4.44 10.02 29.52
CA TRP E 56 -4.12 9.09 30.60
C TRP E 56 -4.62 9.67 31.89
N TYR E 57 -5.16 8.80 32.75
CA TYR E 57 -5.68 9.14 34.07
C TYR E 57 -5.11 8.29 35.19
N GLN E 58 -5.02 8.88 36.37
CA GLN E 58 -4.60 8.21 37.60
C GLN E 58 -5.78 8.06 38.55
N GLN E 59 -6.03 6.86 39.06
CA GLN E 59 -7.12 6.70 40.01
C GLN E 59 -6.74 5.89 41.23
N PHE E 60 -7.01 6.44 42.40
CA PHE E 60 -6.75 5.69 43.60
C PHE E 60 -8.08 5.14 44.05
N PRO E 61 -8.12 3.97 44.67
CA PRO E 61 -9.33 3.42 45.19
C PRO E 61 -9.97 4.42 46.11
N GLY E 62 -11.28 4.56 46.01
CA GLY E 62 -12.02 5.47 46.84
C GLY E 62 -12.27 6.84 46.22
N THR E 63 -11.60 7.18 45.11
CA THR E 63 -11.84 8.50 44.55
C THR E 63 -12.06 8.55 43.04
N ALA E 64 -12.35 9.74 42.56
CA ALA E 64 -12.51 10.01 41.15
C ALA E 64 -11.13 10.07 40.52
N PRO E 65 -10.97 9.69 39.25
CA PRO E 65 -9.74 9.76 38.50
C PRO E 65 -9.36 11.19 38.17
N LYS E 66 -8.08 11.41 37.89
CA LYS E 66 -7.60 12.71 37.41
C LYS E 66 -6.62 12.55 36.24
N LEU E 67 -6.50 13.55 35.41
CA LEU E 67 -5.60 13.53 34.25
C LEU E 67 -4.12 13.61 34.48
N LEU E 68 -3.39 12.92 33.61
CA LEU E 68 -1.93 12.90 33.54
C LEU E 68 -1.34 13.32 32.18
N ILE E 69 -1.88 12.76 31.09
CA ILE E 69 -1.28 12.93 29.73
C ILE E 69 -2.34 13.26 28.68
N TYR E 70 -1.91 13.98 27.61
CA TYR E 70 -2.68 14.46 26.45
C TYR E 70 -3.74 15.42 26.79
N THR E 71 -3.45 16.18 27.80
CA THR E 71 -4.30 17.24 28.18
C THR E 71 -3.37 18.34 28.47
N ASN E 72 -3.78 19.56 28.23
CA ASN E 72 -2.92 20.68 28.62
C ASN E 72 -1.53 20.49 28.02
N ASP E 73 -1.51 20.12 26.75
CA ASP E 73 -0.30 19.87 25.97
C ASP E 73 0.59 18.83 26.66
N GLN E 74 -0.09 17.81 27.18
CA GLN E 74 0.41 16.64 27.89
C GLN E 74 1.00 16.88 29.26
N ARG E 75 0.86 18.07 29.84
CA ARG E 75 1.36 18.28 31.18
C ARG E 75 0.38 19.06 32.08
N PRO E 76 -0.64 18.44 32.66
CA PRO E 76 -1.65 19.10 33.47
C PRO E 76 -1.06 19.62 34.76
N SER E 77 -1.61 20.72 35.24
CA SER E 77 -1.15 21.30 36.49
C SER E 77 -1.39 20.34 37.62
N GLY E 78 -0.44 20.29 38.54
CA GLY E 78 -0.55 19.44 39.72
C GLY E 78 0.09 18.08 39.51
N VAL E 79 0.46 17.78 38.26
CA VAL E 79 1.06 16.51 37.96
C VAL E 79 2.54 16.68 37.70
N PRO E 80 3.42 15.93 38.36
CA PRO E 80 4.85 15.97 38.22
C PRO E 80 5.26 15.35 36.89
N ALA E 81 6.49 15.66 36.46
CA ALA E 81 7.11 15.17 35.23
C ALA E 81 7.29 13.67 35.25
N ARG E 82 7.14 13.10 36.44
CA ARG E 82 7.19 11.69 36.69
C ARG E 82 6.29 10.95 35.74
N PHE E 83 5.12 11.51 35.42
CA PHE E 83 4.17 10.85 34.55
C PHE E 83 4.20 11.44 33.16
N SER E 84 4.76 10.72 32.20
CA SER E 84 4.87 11.30 30.86
C SER E 84 5.04 10.32 29.72
N GLY E 85 5.11 10.86 28.51
CA GLY E 85 5.34 10.06 27.31
C GLY E 85 4.12 9.88 26.42
N SER E 86 4.39 9.50 25.18
CA SER E 86 3.38 9.24 24.17
C SER E 86 3.98 8.34 23.12
N LYS E 87 3.14 7.75 22.26
CA LYS E 87 3.65 6.90 21.18
C LYS E 87 2.89 7.16 19.90
N SER E 88 3.53 6.82 18.79
CA SER E 88 2.98 6.93 17.44
C SER E 88 2.11 5.76 17.02
N GLY E 89 1.48 5.91 15.85
CA GLY E 89 0.66 4.85 15.30
C GLY E 89 -0.55 4.57 16.16
N THR E 90 -0.69 3.33 16.56
CA THR E 90 -1.81 2.89 17.37
C THR E 90 -1.34 2.44 18.74
N SER E 91 -0.20 2.97 19.13
CA SER E 91 0.36 2.68 20.44
C SER E 91 0.28 3.91 21.32
N ALA E 92 0.37 3.69 22.62
CA ALA E 92 0.44 4.75 23.60
C ALA E 92 1.11 4.21 24.84
N SER E 93 1.66 5.08 25.66
CA SER E 93 2.19 4.62 26.92
C SER E 93 2.27 5.73 27.94
N LEU E 94 2.32 5.29 29.17
CA LEU E 94 2.59 6.11 30.34
C LEU E 94 3.84 5.67 31.05
N ALA E 95 4.84 6.52 31.09
CA ALA E 95 6.04 6.17 31.80
C ALA E 95 5.98 6.83 33.14
N ILE E 96 6.28 6.05 34.18
CA ILE E 96 6.30 6.57 35.53
C ILE E 96 7.71 6.48 36.05
N SER E 97 8.39 7.62 36.14
CA SER E 97 9.79 7.61 36.56
C SER E 97 9.99 7.84 38.06
N GLY E 98 10.25 6.76 38.78
CA GLY E 98 10.41 6.78 40.22
C GLY E 98 9.13 6.25 40.84
N LEU E 99 9.16 5.01 41.31
CA LEU E 99 7.95 4.40 41.87
C LEU E 99 7.68 4.74 43.31
N ARG E 100 7.39 5.98 43.55
CA ARG E 100 7.08 6.46 44.88
C ARG E 100 5.83 5.67 45.28
N SER E 101 5.71 5.21 46.53
CA SER E 101 4.55 4.38 46.91
C SER E 101 3.22 5.13 46.83
N GLU E 102 3.29 6.43 46.82
CA GLU E 102 2.13 7.30 46.72
C GLU E 102 1.49 7.20 45.35
N ASP E 103 2.22 6.66 44.38
CA ASP E 103 1.78 6.54 43.00
C ASP E 103 1.18 5.18 42.71
N GLU E 104 0.95 4.35 43.73
CA GLU E 104 0.39 3.03 43.44
C GLU E 104 -1.13 3.09 43.24
N ALA E 105 -1.48 3.66 42.09
CA ALA E 105 -2.80 3.93 41.56
C ALA E 105 -3.09 3.02 40.40
N ASP E 106 -4.35 2.95 40.02
CA ASP E 106 -4.66 2.26 38.79
C ASP E 106 -4.53 3.30 37.70
N TYR E 107 -4.00 2.93 36.55
CA TYR E 107 -3.92 3.92 35.49
C TYR E 107 -4.78 3.55 34.32
N TYR E 108 -5.37 4.56 33.72
CA TYR E 108 -6.23 4.30 32.59
C TYR E 108 -5.83 5.02 31.32
N CYS E 109 -5.97 4.30 30.20
CA CYS E 109 -5.78 4.72 28.83
C CYS E 109 -7.16 5.06 28.27
N ALA E 110 -7.34 6.28 27.73
CA ALA E 110 -8.63 6.64 27.18
C ALA E 110 -8.51 7.35 25.84
N ALA E 111 -9.45 7.11 24.95
CA ALA E 111 -9.39 7.75 23.65
C ALA E 111 -10.75 7.91 23.05
N TRP E 112 -10.85 8.78 22.07
CA TRP E 112 -12.11 8.93 21.37
C TRP E 112 -12.27 7.86 20.33
N ASP E 113 -13.39 7.17 20.36
CA ASP E 113 -13.70 6.12 19.41
C ASP E 113 -14.66 6.61 18.32
N ASP E 114 -14.17 6.60 17.08
CA ASP E 114 -14.86 7.13 15.92
C ASP E 114 -15.85 6.18 15.28
N ILE E 115 -16.00 5.01 15.85
CA ILE E 115 -16.97 4.05 15.36
C ILE E 115 -18.22 4.23 16.17
N VAL E 116 -18.02 4.39 17.48
CA VAL E 116 -19.16 4.49 18.37
C VAL E 116 -19.50 5.93 18.75
N ASN E 117 -18.66 6.89 18.37
CA ASN E 117 -18.89 8.30 18.67
C ASN E 117 -18.98 8.53 20.16
N GLY E 118 -17.98 8.04 20.85
CA GLY E 118 -17.93 8.17 22.31
C GLY E 118 -16.56 7.84 22.81
N TRP E 119 -16.41 7.83 24.11
CA TRP E 119 -15.13 7.54 24.71
C TRP E 119 -14.94 6.10 25.08
N VAL E 120 -13.73 5.64 24.90
CA VAL E 120 -13.35 4.31 25.26
C VAL E 120 -12.25 4.34 26.28
N PHE E 121 -12.37 3.50 27.28
CA PHE E 121 -11.34 3.38 28.30
C PHE E 121 -10.78 1.96 28.25
N GLY E 122 -9.52 1.80 28.61
CA GLY E 122 -8.94 0.47 28.69
C GLY E 122 -9.25 -0.17 30.04
N GLY E 123 -8.73 -1.38 30.27
CA GLY E 123 -8.99 -2.16 31.49
C GLY E 123 -8.56 -1.53 32.81
N GLY E 124 -7.47 -0.81 32.79
CA GLY E 124 -6.90 -0.20 33.97
C GLY E 124 -5.67 -1.01 34.38
N THR E 125 -4.55 -0.35 34.61
CA THR E 125 -3.33 -1.06 34.98
C THR E 125 -3.03 -0.83 36.44
N LYS E 126 -2.89 -1.89 37.22
CA LYS E 126 -2.66 -1.70 38.65
C LYS E 126 -1.19 -1.59 39.11
N LEU E 127 -0.77 -0.42 39.68
CA LEU E 127 0.59 -0.18 40.20
C LEU E 127 0.51 -0.17 41.72
N GLU F 19 9.37 -32.87 -39.87
CA GLU F 19 9.73 -32.66 -38.48
C GLU F 19 11.21 -32.23 -38.35
N ILE F 20 11.68 -32.00 -37.10
CA ILE F 20 13.06 -31.60 -36.79
C ILE F 20 13.94 -32.75 -36.42
N MET F 21 14.98 -32.94 -37.20
CA MET F 21 15.89 -34.03 -36.93
C MET F 21 17.11 -33.47 -36.25
N LEU F 22 17.62 -34.21 -35.27
CA LEU F 22 18.82 -33.84 -34.56
C LEU F 22 19.89 -34.90 -34.70
N THR F 23 21.03 -34.52 -35.26
CA THR F 23 22.13 -35.47 -35.43
C THR F 23 23.08 -35.30 -34.28
N GLN F 24 23.27 -36.36 -33.52
CA GLN F 24 24.11 -36.32 -32.33
C GLN F 24 25.50 -36.83 -32.64
N SER F 25 26.52 -36.11 -32.19
CA SER F 25 27.89 -36.53 -32.42
C SER F 25 28.85 -36.02 -31.33
N PRO F 26 29.87 -36.81 -30.94
CA PRO F 26 30.24 -38.18 -31.28
C PRO F 26 29.21 -39.14 -30.74
N VAL F 27 29.09 -40.31 -31.36
CA VAL F 27 28.14 -41.30 -30.85
C VAL F 27 28.60 -41.86 -29.52
N THR F 28 29.88 -42.20 -29.41
CA THR F 28 30.45 -42.71 -28.18
C THR F 28 31.75 -41.98 -27.88
N LEU F 29 31.91 -41.56 -26.64
CA LEU F 29 33.10 -40.90 -26.17
C LEU F 29 33.74 -41.74 -25.09
N SER F 30 35.07 -41.72 -25.03
CA SER F 30 35.82 -42.48 -24.04
C SER F 30 35.80 -41.86 -22.66
N VAL F 31 36.27 -42.62 -21.66
CA VAL F 31 36.25 -42.12 -20.28
C VAL F 31 37.08 -40.85 -20.16
N SER F 32 38.29 -40.83 -20.75
CA SER F 32 39.13 -39.63 -20.68
C SER F 32 39.05 -38.98 -19.30
N PRO F 33 39.38 -39.71 -18.24
CA PRO F 33 39.10 -39.30 -16.88
C PRO F 33 39.81 -38.02 -16.54
N GLY F 34 39.10 -37.10 -15.92
CA GLY F 34 39.62 -35.83 -15.48
C GLY F 34 39.74 -34.78 -16.57
N GLU F 35 39.37 -35.13 -17.79
CA GLU F 35 39.52 -34.20 -18.92
C GLU F 35 38.23 -33.47 -19.25
N ARG F 36 38.28 -32.56 -20.22
CA ARG F 36 37.09 -31.84 -20.68
C ARG F 36 36.51 -32.57 -21.89
N ALA F 37 35.20 -32.50 -22.05
CA ALA F 37 34.61 -33.09 -23.25
C ALA F 37 33.42 -32.30 -23.69
N THR F 38 33.15 -32.33 -24.99
CA THR F 38 31.97 -31.67 -25.48
C THR F 38 31.16 -32.63 -26.29
N LEU F 39 29.87 -32.38 -26.28
CA LEU F 39 28.89 -33.13 -27.02
C LEU F 39 28.10 -32.16 -27.87
N SER F 40 27.73 -32.52 -29.08
CA SER F 40 26.91 -31.56 -29.79
C SER F 40 25.86 -32.25 -30.65
N CYS F 41 24.83 -31.48 -31.02
CA CYS F 41 23.74 -31.90 -31.89
C CYS F 41 23.47 -30.86 -32.96
N ARG F 42 23.21 -31.34 -34.17
CA ARG F 42 22.95 -30.47 -35.28
C ARG F 42 21.59 -30.71 -35.89
N ALA F 43 20.78 -29.69 -35.84
CA ALA F 43 19.43 -29.70 -36.33
C ALA F 43 19.30 -29.47 -37.81
N SER F 44 18.26 -30.06 -38.37
CA SER F 44 17.86 -29.81 -39.73
C SER F 44 17.15 -28.45 -39.88
N GLN F 45 16.77 -27.86 -38.76
CA GLN F 45 16.03 -26.61 -38.72
C GLN F 45 16.61 -25.60 -37.74
N SER F 46 16.34 -24.33 -38.00
CA SER F 46 16.86 -23.24 -37.19
C SER F 46 16.14 -23.01 -35.87
N ILE F 47 16.51 -23.84 -34.91
CA ILE F 47 16.00 -23.87 -33.55
C ILE F 47 16.52 -22.67 -32.74
N GLY F 48 15.67 -22.00 -31.98
CA GLY F 48 16.13 -20.87 -31.18
C GLY F 48 16.75 -21.42 -29.91
N THR F 49 17.05 -20.61 -28.94
CA THR F 49 17.75 -21.16 -27.77
C THR F 49 16.82 -21.83 -26.75
N ASN F 50 16.12 -22.87 -27.21
CA ASN F 50 15.09 -23.58 -26.46
C ASN F 50 15.35 -25.05 -26.24
N LEU F 51 16.57 -25.50 -26.51
CA LEU F 51 16.89 -26.91 -26.34
C LEU F 51 17.03 -27.24 -24.90
N ALA F 52 17.17 -28.51 -24.65
CA ALA F 52 17.47 -28.95 -23.32
C ALA F 52 18.37 -30.13 -23.40
N TRP F 53 19.18 -30.31 -22.38
CA TRP F 53 20.04 -31.47 -22.34
C TRP F 53 19.71 -32.30 -21.14
N TYR F 54 19.78 -33.61 -21.33
CA TYR F 54 19.47 -34.58 -20.29
C TYR F 54 20.59 -35.58 -20.04
N GLN F 55 20.64 -36.09 -18.81
CA GLN F 55 21.58 -37.14 -18.41
C GLN F 55 20.85 -38.39 -18.01
N LYS F 56 21.19 -39.54 -18.61
CA LYS F 56 20.55 -40.79 -18.25
C LYS F 56 21.56 -41.87 -17.81
N PRO F 57 21.98 -41.89 -16.50
CA PRO F 57 23.05 -42.71 -15.92
C PRO F 57 22.65 -44.13 -15.57
N GLY F 58 22.07 -44.83 -16.54
CA GLY F 58 21.61 -46.21 -16.32
C GLY F 58 20.27 -46.25 -15.58
N GLN F 59 19.76 -45.06 -15.28
CA GLN F 59 18.54 -44.77 -14.52
C GLN F 59 17.63 -43.89 -15.32
N ALA F 60 16.47 -43.54 -14.76
CA ALA F 60 15.58 -42.61 -15.42
C ALA F 60 16.38 -41.32 -15.58
N PRO F 61 16.18 -40.55 -16.66
CA PRO F 61 16.89 -39.32 -16.98
C PRO F 61 16.58 -38.13 -16.09
N ARG F 62 17.53 -37.20 -16.03
CA ARG F 62 17.35 -35.92 -15.36
C ARG F 62 17.75 -34.76 -16.25
N LEU F 63 17.16 -33.61 -16.00
CA LEU F 63 17.50 -32.42 -16.75
C LEU F 63 18.80 -31.80 -16.33
N LEU F 64 19.61 -31.43 -17.30
CA LEU F 64 20.86 -30.73 -17.08
C LEU F 64 20.74 -29.29 -17.47
N ILE F 65 20.29 -29.06 -18.69
CA ILE F 65 20.25 -27.71 -19.22
C ILE F 65 18.87 -27.32 -19.67
N HIS F 66 18.44 -26.15 -19.23
CA HIS F 66 17.16 -25.53 -19.56
C HIS F 66 17.38 -24.42 -20.60
N GLY F 67 16.81 -24.62 -21.77
CA GLY F 67 17.02 -23.70 -22.86
C GLY F 67 18.38 -24.03 -23.41
N ALA F 68 18.91 -23.21 -24.29
CA ALA F 68 20.22 -23.62 -24.82
C ALA F 68 21.30 -23.74 -23.74
N SER F 69 21.28 -22.90 -22.69
CA SER F 69 22.40 -22.92 -21.74
C SER F 69 22.17 -22.77 -20.24
N THR F 70 20.95 -22.76 -19.71
CA THR F 70 20.82 -22.52 -18.27
C THR F 70 20.96 -23.78 -17.44
N ARG F 71 21.80 -23.76 -16.41
CA ARG F 71 21.89 -24.98 -15.63
C ARG F 71 20.61 -25.19 -14.86
N ALA F 72 20.08 -26.41 -14.91
CA ALA F 72 18.90 -26.78 -14.17
C ALA F 72 19.26 -26.89 -12.70
N THR F 73 18.28 -26.73 -11.84
CA THR F 73 18.56 -26.83 -10.42
C THR F 73 19.15 -28.19 -10.08
N GLY F 74 20.25 -28.20 -9.32
CA GLY F 74 20.93 -29.42 -8.90
C GLY F 74 22.08 -29.82 -9.82
N VAL F 75 22.21 -29.12 -10.92
CA VAL F 75 23.25 -29.39 -11.90
C VAL F 75 24.54 -28.67 -11.50
N PRO F 76 25.66 -29.38 -11.39
CA PRO F 76 26.94 -28.84 -10.99
C PRO F 76 27.50 -27.94 -12.05
N VAL F 77 28.45 -27.11 -11.62
CA VAL F 77 29.16 -26.13 -12.43
C VAL F 77 29.85 -26.71 -13.65
N SER F 78 30.13 -28.00 -13.61
CA SER F 78 30.79 -28.66 -14.72
C SER F 78 29.97 -28.63 -16.00
N PHE F 79 28.64 -28.42 -15.90
CA PHE F 79 27.82 -28.38 -17.10
C PHE F 79 27.52 -26.97 -17.57
N SER F 80 27.76 -26.72 -18.85
CA SER F 80 27.50 -25.41 -19.45
C SER F 80 27.31 -25.59 -20.94
N GLY F 81 26.88 -24.56 -21.66
CA GLY F 81 26.75 -24.73 -23.10
C GLY F 81 26.32 -23.46 -23.81
N SER F 82 26.19 -23.58 -25.13
CA SER F 82 25.80 -22.48 -26.02
C SER F 82 25.29 -23.04 -27.34
N GLY F 83 24.68 -22.20 -28.17
CA GLY F 83 24.24 -22.68 -29.48
C GLY F 83 23.54 -21.64 -30.34
N SER F 84 22.31 -21.98 -30.71
CA SER F 84 21.38 -21.28 -31.59
C SER F 84 21.70 -21.69 -33.02
N GLY F 85 20.89 -21.23 -33.95
CA GLY F 85 21.04 -21.66 -35.33
C GLY F 85 20.75 -23.14 -35.35
N THR F 86 21.61 -23.93 -35.98
CA THR F 86 21.32 -25.35 -36.00
C THR F 86 22.18 -26.20 -35.10
N GLU F 87 23.36 -25.75 -34.70
CA GLU F 87 24.18 -26.63 -33.89
C GLU F 87 24.44 -26.07 -32.52
N PHE F 88 24.17 -26.92 -31.56
CA PHE F 88 24.29 -26.60 -30.15
C PHE F 88 25.29 -27.51 -29.48
N THR F 89 26.03 -26.95 -28.53
CA THR F 89 27.03 -27.74 -27.81
C THR F 89 26.89 -27.70 -26.29
N LEU F 90 26.98 -28.90 -25.73
CA LEU F 90 27.01 -29.10 -24.30
C LEU F 90 28.44 -29.37 -23.90
N THR F 91 28.94 -28.58 -23.00
CA THR F 91 30.29 -28.73 -22.53
C THR F 91 30.28 -29.25 -21.13
N ILE F 92 31.05 -30.28 -20.89
CA ILE F 92 31.15 -30.77 -19.54
C ILE F 92 32.63 -30.64 -19.20
N SER F 93 32.96 -29.87 -18.18
CA SER F 93 34.34 -29.69 -17.82
C SER F 93 34.74 -30.50 -16.61
N SER F 94 36.04 -30.65 -16.40
CA SER F 94 36.54 -31.29 -15.20
C SER F 94 35.87 -32.62 -14.89
N LEU F 95 35.94 -33.60 -15.79
CA LEU F 95 35.25 -34.88 -15.60
C LEU F 95 36.00 -35.79 -14.62
N GLN F 96 36.12 -35.31 -13.38
CA GLN F 96 36.83 -36.00 -12.33
C GLN F 96 35.91 -37.05 -11.74
N SER F 97 34.63 -36.74 -11.74
CA SER F 97 33.61 -37.62 -11.25
C SER F 97 33.13 -38.36 -12.46
N GLU F 98 33.22 -39.66 -12.44
CA GLU F 98 32.85 -40.38 -13.64
C GLU F 98 31.36 -40.59 -13.73
N ASP F 99 30.72 -39.54 -14.18
CA ASP F 99 29.28 -39.45 -14.25
C ASP F 99 28.75 -40.14 -15.49
N PHE F 100 28.77 -41.47 -15.45
CA PHE F 100 28.32 -42.23 -16.60
C PHE F 100 26.92 -41.94 -16.95
N ALA F 101 26.69 -41.72 -18.23
CA ALA F 101 25.36 -41.55 -18.74
C ALA F 101 25.37 -41.51 -20.22
N VAL F 102 24.20 -41.71 -20.77
CA VAL F 102 24.01 -41.36 -22.14
C VAL F 102 23.41 -39.98 -22.06
N TYR F 103 23.99 -39.05 -22.77
CA TYR F 103 23.51 -37.70 -22.71
C TYR F 103 22.62 -37.43 -23.91
N TYR F 104 21.58 -36.65 -23.72
CA TYR F 104 20.70 -36.39 -24.84
C TYR F 104 20.45 -34.93 -25.13
N CYS F 105 20.28 -34.63 -26.44
CA CYS F 105 19.87 -33.35 -27.01
C CYS F 105 18.38 -33.43 -27.32
N GLN F 106 17.62 -32.47 -26.81
CA GLN F 106 16.20 -32.41 -27.10
C GLN F 106 15.81 -31.02 -27.54
N GLN F 107 14.92 -30.92 -28.52
CA GLN F 107 14.51 -29.61 -29.02
C GLN F 107 13.07 -29.25 -28.75
N TYR F 108 12.81 -27.94 -28.60
CA TYR F 108 11.49 -27.45 -28.34
C TYR F 108 11.13 -26.26 -29.22
N ASN F 109 11.13 -26.45 -30.53
CA ASN F 109 10.84 -25.39 -31.47
C ASN F 109 9.60 -25.78 -32.22
N ASN F 110 9.73 -26.53 -33.27
CA ASN F 110 8.55 -26.99 -33.95
C ASN F 110 8.25 -28.29 -33.29
N TRP F 111 7.02 -28.73 -33.36
CA TRP F 111 6.74 -29.99 -32.71
C TRP F 111 5.71 -30.73 -33.54
N PRO F 112 5.54 -32.05 -33.34
CA PRO F 112 5.95 -32.99 -32.29
C PRO F 112 7.40 -32.91 -31.90
N LEU F 113 7.65 -33.00 -30.61
CA LEU F 113 8.96 -32.84 -30.05
C LEU F 113 9.86 -33.99 -30.39
N THR F 114 11.12 -33.69 -30.63
CA THR F 114 12.09 -34.71 -30.95
C THR F 114 13.36 -34.59 -30.12
N PHE F 115 14.11 -35.69 -30.16
CA PHE F 115 15.38 -35.91 -29.49
C PHE F 115 16.41 -36.42 -30.48
N GLY F 116 17.68 -36.22 -30.18
CA GLY F 116 18.73 -36.85 -30.97
C GLY F 116 18.81 -38.29 -30.45
N GLY F 117 19.69 -39.12 -31.01
CA GLY F 117 19.74 -40.53 -30.57
C GLY F 117 20.49 -40.77 -29.27
N GLY F 118 21.11 -39.74 -28.73
CA GLY F 118 21.87 -39.85 -27.50
C GLY F 118 23.34 -40.07 -27.77
N THR F 119 24.17 -39.60 -26.87
CA THR F 119 25.61 -39.76 -26.96
C THR F 119 26.15 -40.42 -25.72
N LYS F 120 26.74 -41.59 -25.91
CA LYS F 120 27.22 -42.35 -24.78
C LYS F 120 28.59 -41.93 -24.36
N VAL F 121 28.78 -41.70 -23.07
CA VAL F 121 30.11 -41.38 -22.65
C VAL F 121 30.48 -42.47 -21.67
N GLU F 122 31.64 -43.08 -21.87
CA GLU F 122 32.07 -44.19 -21.02
C GLU F 122 32.20 -43.90 -19.51
N ILE F 123 32.52 -42.65 -19.08
CA ILE F 123 32.73 -42.24 -17.68
C ILE F 123 31.64 -42.78 -16.74
N LEU G 22 6.52 -37.92 -9.53
CA LEU G 22 5.42 -38.51 -10.29
C LEU G 22 5.45 -40.03 -10.06
N VAL G 23 4.26 -40.66 -9.90
CA VAL G 23 4.13 -42.13 -9.70
C VAL G 23 3.35 -42.77 -10.83
N GLN G 24 3.87 -43.87 -11.37
CA GLN G 24 3.21 -44.53 -12.49
C GLN G 24 2.71 -45.90 -12.13
N SER G 25 2.07 -46.51 -13.11
CA SER G 25 1.57 -47.88 -12.99
C SER G 25 2.70 -48.90 -13.05
N GLY G 26 2.39 -50.15 -12.74
CA GLY G 26 3.40 -51.22 -12.75
C GLY G 26 3.62 -51.81 -14.14
N ALA G 27 4.42 -52.87 -14.21
CA ALA G 27 4.82 -53.55 -15.46
C ALA G 27 3.66 -54.28 -16.11
N GLU G 28 3.74 -54.43 -17.43
CA GLU G 28 2.71 -55.15 -18.18
C GLU G 28 3.26 -55.97 -19.34
N VAL G 29 2.64 -57.12 -19.59
CA VAL G 29 3.02 -58.00 -20.71
C VAL G 29 1.83 -58.38 -21.60
N LYS G 30 1.90 -58.02 -22.88
CA LYS G 30 0.83 -58.32 -23.82
C LYS G 30 1.25 -59.10 -25.06
N LYS G 31 0.24 -59.55 -25.79
CA LYS G 31 0.48 -60.12 -27.09
C LYS G 31 0.06 -59.06 -28.11
N PRO G 32 0.60 -59.04 -29.32
CA PRO G 32 0.28 -58.07 -30.34
C PRO G 32 -1.21 -57.98 -30.62
N GLY G 33 -1.65 -56.74 -30.80
CA GLY G 33 -3.04 -56.37 -31.04
C GLY G 33 -3.69 -55.86 -29.77
N SER G 34 -3.04 -56.11 -28.63
CA SER G 34 -3.54 -55.68 -27.34
C SER G 34 -3.32 -54.20 -27.06
N SER G 35 -4.06 -53.70 -26.09
CA SER G 35 -3.91 -52.32 -25.64
C SER G 35 -3.37 -52.30 -24.22
N VAL G 36 -2.64 -51.25 -23.89
CA VAL G 36 -2.09 -51.03 -22.54
C VAL G 36 -2.42 -49.64 -22.00
N ARG G 37 -2.90 -49.56 -20.77
CA ARG G 37 -3.12 -48.25 -20.20
C ARG G 37 -2.10 -47.95 -19.14
N VAL G 38 -1.33 -46.90 -19.36
CA VAL G 38 -0.27 -46.53 -18.45
C VAL G 38 -0.67 -45.25 -17.70
N SER G 39 -0.75 -45.33 -16.38
CA SER G 39 -1.15 -44.15 -15.61
C SER G 39 0.06 -43.38 -15.09
N CYS G 40 -0.18 -42.08 -14.74
CA CYS G 40 0.75 -41.16 -14.08
C CYS G 40 0.00 -40.22 -13.14
N LYS G 41 0.24 -40.38 -11.86
CA LYS G 41 -0.41 -39.52 -10.89
C LYS G 41 0.57 -38.45 -10.43
N ALA G 42 0.10 -37.21 -10.51
CA ALA G 42 0.91 -36.09 -10.08
C ALA G 42 1.25 -36.23 -8.63
N SER G 43 2.46 -35.87 -8.27
CA SER G 43 2.91 -35.96 -6.90
C SER G 43 2.43 -34.84 -5.99
N GLY G 44 2.08 -33.69 -6.54
CA GLY G 44 1.64 -32.59 -5.69
C GLY G 44 0.13 -32.42 -5.63
N ASP G 45 -0.30 -31.48 -4.79
CA ASP G 45 -1.70 -31.12 -4.58
C ASP G 45 -2.14 -29.88 -5.37
N THR G 46 -1.19 -29.02 -5.69
CA THR G 46 -1.50 -27.77 -6.38
C THR G 46 -1.23 -27.92 -7.84
N PHE G 47 -2.21 -27.56 -8.64
CA PHE G 47 -2.10 -27.64 -10.07
C PHE G 47 -1.84 -26.24 -10.56
N LYS G 48 -0.94 -26.10 -11.52
CA LYS G 48 -0.56 -24.79 -12.02
C LYS G 48 -0.61 -24.63 -13.53
N THR G 49 -1.51 -25.33 -14.21
CA THR G 49 -1.61 -25.23 -15.65
C THR G 49 -0.30 -25.58 -16.31
N HIS G 50 0.18 -26.75 -15.95
CA HIS G 50 1.37 -27.31 -16.48
C HIS G 50 0.98 -28.42 -17.41
N ALA G 51 1.96 -29.06 -18.03
CA ALA G 51 1.68 -30.13 -18.93
C ALA G 51 2.50 -31.35 -18.58
N ILE G 52 1.87 -32.49 -18.82
CA ILE G 52 2.52 -33.76 -18.60
C ILE G 52 2.62 -34.50 -19.89
N SER G 53 3.85 -34.85 -20.20
CA SER G 53 4.15 -35.56 -21.42
C SER G 53 4.68 -36.93 -21.16
N TRP G 54 4.57 -37.75 -22.16
CA TRP G 54 5.09 -39.09 -22.09
C TRP G 54 6.21 -39.30 -23.08
N VAL G 55 7.23 -40.02 -22.59
CA VAL G 55 8.41 -40.40 -23.33
C VAL G 55 8.62 -41.90 -23.30
N ARG G 56 8.88 -42.45 -24.47
CA ARG G 56 9.13 -43.86 -24.62
C ARG G 56 10.62 -44.16 -24.69
N GLN G 57 11.08 -45.07 -23.84
CA GLN G 57 12.47 -45.48 -23.82
C GLN G 57 12.68 -46.75 -24.58
N ALA G 58 13.26 -46.63 -25.75
CA ALA G 58 13.47 -47.79 -26.57
C ALA G 58 14.59 -48.60 -25.97
N PRO G 59 14.62 -49.93 -26.11
CA PRO G 59 15.74 -50.79 -25.77
C PRO G 59 17.01 -50.39 -26.55
N GLY G 60 16.79 -49.71 -27.67
CA GLY G 60 17.84 -49.24 -28.57
C GLY G 60 18.40 -47.90 -28.12
N GLN G 61 17.92 -47.42 -26.98
CA GLN G 61 18.29 -46.18 -26.30
C GLN G 61 17.82 -44.90 -26.97
N GLY G 62 16.94 -45.01 -27.93
CA GLY G 62 16.35 -43.81 -28.48
C GLY G 62 15.23 -43.36 -27.56
N LEU G 63 14.91 -42.08 -27.59
CA LEU G 63 13.82 -41.57 -26.80
C LEU G 63 12.78 -41.00 -27.71
N GLU G 64 11.56 -41.49 -27.60
CA GLU G 64 10.54 -40.98 -28.48
C GLU G 64 9.56 -40.14 -27.72
N TRP G 65 9.17 -39.03 -28.28
CA TRP G 65 8.13 -38.30 -27.63
C TRP G 65 6.89 -39.05 -27.99
N VAL G 66 6.04 -39.33 -27.04
CA VAL G 66 4.83 -40.05 -27.38
C VAL G 66 3.75 -39.05 -27.62
N GLY G 67 3.67 -38.11 -26.70
CA GLY G 67 2.62 -37.12 -26.74
C GLY G 67 2.47 -36.53 -25.37
N GLY G 68 1.40 -35.80 -25.13
CA GLY G 68 1.18 -35.21 -23.83
C GLY G 68 -0.04 -34.33 -23.82
N THR G 69 -0.45 -33.92 -22.63
CA THR G 69 -1.62 -33.06 -22.54
C THR G 69 -1.44 -31.94 -21.54
N VAL G 70 -2.42 -31.07 -21.49
CA VAL G 70 -2.38 -29.93 -20.60
C VAL G 70 -3.40 -30.05 -19.50
N ARG G 71 -2.96 -29.82 -18.26
CA ARG G 71 -3.86 -29.89 -17.12
C ARG G 71 -4.08 -28.51 -16.56
N GLN G 72 -5.16 -27.87 -16.96
CA GLN G 72 -5.38 -26.50 -16.55
C GLN G 72 -5.74 -26.33 -15.11
N ALA G 73 -5.19 -25.28 -14.51
CA ALA G 73 -5.53 -24.91 -13.17
C ALA G 73 -6.96 -24.41 -13.22
N PRO G 74 -7.75 -24.54 -12.16
CA PRO G 74 -9.13 -24.12 -12.10
C PRO G 74 -9.42 -22.69 -12.55
N GLY G 75 -8.50 -21.74 -12.35
CA GLY G 75 -8.82 -20.37 -12.72
C GLY G 75 -8.46 -19.93 -14.14
N ASP G 76 -7.90 -20.82 -14.95
CA ASP G 76 -7.51 -20.43 -16.31
C ASP G 76 -8.54 -20.91 -17.33
N GLY G 77 -8.32 -20.61 -18.60
CA GLY G 77 -9.28 -21.07 -19.62
C GLY G 77 -10.49 -20.15 -19.76
N LEU G 78 -10.32 -18.87 -19.42
CA LEU G 78 -11.37 -17.87 -19.54
C LEU G 78 -12.63 -18.12 -18.72
N GLU G 79 -12.51 -18.61 -17.49
CA GLU G 79 -13.69 -18.85 -16.64
C GLU G 79 -14.48 -17.58 -16.38
N LEU G 80 -13.84 -16.44 -16.56
CA LEU G 80 -14.39 -15.12 -16.32
C LEU G 80 -15.59 -14.85 -17.21
N LEU G 81 -15.62 -15.52 -18.35
CA LEU G 81 -16.67 -15.34 -19.31
C LEU G 81 -17.72 -16.43 -19.21
N GLY G 82 -17.58 -17.30 -18.24
CA GLY G 82 -18.49 -18.42 -18.09
C GLY G 82 -17.93 -19.52 -18.94
N GLY G 83 -18.36 -20.74 -18.75
CA GLY G 83 -17.85 -21.77 -19.63
C GLY G 83 -16.37 -22.04 -19.38
N PHE G 84 -15.73 -22.66 -20.36
CA PHE G 84 -14.32 -23.00 -20.28
C PHE G 84 -13.72 -23.27 -21.63
N VAL G 85 -12.52 -22.74 -21.87
CA VAL G 85 -11.78 -23.04 -23.08
C VAL G 85 -10.55 -23.86 -22.77
N PRO G 86 -10.49 -25.11 -23.22
CA PRO G 86 -9.37 -25.97 -23.07
C PRO G 86 -8.20 -25.49 -23.87
N ILE G 87 -7.00 -25.70 -23.35
CA ILE G 87 -5.83 -25.47 -24.16
C ILE G 87 -5.56 -26.88 -24.53
N LEU G 88 -5.80 -27.21 -25.77
CA LEU G 88 -5.84 -28.58 -26.14
C LEU G 88 -4.86 -29.08 -27.13
N ALA G 89 -4.72 -28.42 -28.26
CA ALA G 89 -3.97 -29.14 -29.29
C ALA G 89 -2.56 -29.45 -28.83
N PRO G 90 -2.16 -30.74 -28.83
CA PRO G 90 -0.88 -31.27 -28.47
C PRO G 90 0.12 -31.45 -29.59
N ALA G 91 -0.21 -31.11 -30.83
CA ALA G 91 0.69 -31.50 -31.93
C ALA G 91 1.02 -32.99 -31.85
N ASN G 92 0.03 -33.85 -31.99
CA ASN G 92 0.27 -35.28 -31.85
C ASN G 92 1.28 -35.84 -32.83
N ASP G 93 2.03 -36.83 -32.36
CA ASP G 93 3.02 -37.50 -33.19
C ASP G 93 2.38 -38.41 -34.21
N ALA G 94 2.57 -38.04 -35.47
CA ALA G 94 2.00 -38.78 -36.55
C ALA G 94 3.09 -39.38 -37.40
N GLN G 95 4.25 -39.60 -36.80
CA GLN G 95 5.36 -40.16 -37.53
C GLN G 95 5.51 -41.64 -37.17
N LYS G 96 5.47 -41.95 -35.89
CA LYS G 96 5.60 -43.33 -35.45
C LYS G 96 4.36 -43.82 -34.74
N PHE G 97 3.67 -42.92 -34.05
CA PHE G 97 2.49 -43.37 -33.35
C PHE G 97 1.33 -43.38 -34.33
N GLN G 98 1.16 -42.27 -35.07
CA GLN G 98 0.14 -42.21 -36.11
C GLN G 98 -1.22 -42.54 -35.55
N GLY G 99 -1.59 -41.82 -34.51
CA GLY G 99 -2.81 -42.14 -33.81
C GLY G 99 -2.38 -43.20 -32.84
N ARG G 100 -3.25 -44.17 -32.56
CA ARG G 100 -3.03 -45.25 -31.58
C ARG G 100 -2.98 -44.84 -30.11
N VAL G 101 -2.28 -43.78 -29.78
CA VAL G 101 -2.13 -43.40 -28.41
C VAL G 101 -2.93 -42.17 -28.04
N THR G 102 -3.81 -42.33 -27.07
CA THR G 102 -4.64 -41.25 -26.58
C THR G 102 -4.23 -40.85 -25.18
N ILE G 103 -3.91 -39.56 -25.01
CA ILE G 103 -3.48 -39.08 -23.70
C ILE G 103 -4.46 -38.08 -23.12
N THR G 104 -5.07 -38.45 -22.01
CA THR G 104 -6.05 -37.59 -21.36
C THR G 104 -5.91 -37.54 -19.85
N ALA G 105 -6.40 -36.47 -19.25
CA ALA G 105 -6.44 -36.41 -17.80
C ALA G 105 -7.78 -36.95 -17.34
N ASP G 106 -7.78 -37.62 -16.18
CA ASP G 106 -8.97 -38.12 -15.53
C ASP G 106 -9.85 -36.96 -15.06
N GLY G 107 -9.21 -35.86 -14.68
CA GLY G 107 -9.87 -34.68 -14.18
C GLY G 107 -8.79 -33.70 -13.80
N SER G 108 -9.17 -32.56 -13.24
CA SER G 108 -8.18 -31.55 -12.88
C SER G 108 -7.25 -32.02 -11.76
N THR G 109 -7.74 -32.93 -10.92
CA THR G 109 -6.98 -33.47 -9.80
C THR G 109 -6.61 -34.95 -9.94
N GLY G 110 -7.21 -35.65 -10.89
CA GLY G 110 -6.99 -37.08 -11.04
C GLY G 110 -5.73 -37.34 -11.86
N PRO G 111 -5.37 -38.60 -12.10
CA PRO G 111 -4.21 -39.08 -12.85
C PRO G 111 -4.33 -38.87 -14.34
N VAL G 112 -3.19 -38.87 -15.01
CA VAL G 112 -3.15 -38.83 -16.46
C VAL G 112 -3.01 -40.23 -17.01
N TYR G 113 -3.79 -40.53 -18.02
CA TYR G 113 -3.67 -41.83 -18.60
C TYR G 113 -3.24 -41.77 -20.04
N MET G 114 -2.34 -42.67 -20.37
CA MET G 114 -1.89 -42.87 -21.71
C MET G 114 -2.39 -44.21 -22.20
N ASP G 115 -3.38 -44.15 -23.06
CA ASP G 115 -4.00 -45.35 -23.57
C ASP G 115 -3.35 -45.73 -24.89
N LEU G 116 -2.55 -46.79 -24.86
CA LEU G 116 -1.74 -47.26 -25.96
C LEU G 116 -2.46 -48.41 -26.70
N SER G 117 -3.08 -48.17 -27.86
CA SER G 117 -3.83 -49.27 -28.49
C SER G 117 -3.13 -49.98 -29.63
N THR G 118 -3.66 -51.18 -29.98
CA THR G 118 -3.20 -52.01 -31.09
C THR G 118 -1.69 -52.02 -31.17
N LEU G 119 -1.08 -52.53 -30.13
CA LEU G 119 0.35 -52.50 -30.01
C LEU G 119 1.02 -53.71 -30.58
N THR G 120 2.27 -53.53 -30.94
CA THR G 120 3.10 -54.62 -31.44
C THR G 120 4.34 -54.83 -30.60
N SER G 121 5.13 -55.82 -30.93
CA SER G 121 6.34 -56.15 -30.17
C SER G 121 7.40 -55.06 -30.30
N GLU G 122 7.27 -54.25 -31.33
CA GLU G 122 8.20 -53.17 -31.63
C GLU G 122 7.96 -52.00 -30.70
N ASP G 123 6.86 -52.06 -29.95
CA ASP G 123 6.50 -51.02 -29.03
C ASP G 123 6.98 -51.39 -27.63
N THR G 124 7.78 -52.46 -27.51
CA THR G 124 8.31 -52.76 -26.19
C THR G 124 9.20 -51.61 -25.81
N ALA G 125 8.96 -51.06 -24.65
CA ALA G 125 9.73 -49.92 -24.17
C ALA G 125 9.41 -49.62 -22.74
N MET G 126 10.24 -48.83 -22.09
CA MET G 126 9.82 -48.37 -20.79
C MET G 126 9.04 -47.09 -21.01
N TYR G 127 7.88 -46.99 -20.41
CA TYR G 127 7.08 -45.80 -20.57
C TYR G 127 7.01 -44.98 -19.33
N TYR G 128 7.22 -43.68 -19.48
CA TYR G 128 7.18 -42.78 -18.36
C TYR G 128 6.78 -41.36 -18.72
N CYS G 129 6.24 -40.66 -17.70
CA CYS G 129 5.76 -39.31 -17.73
C CYS G 129 6.77 -38.31 -17.16
N VAL G 130 6.65 -37.10 -17.67
CA VAL G 130 7.43 -35.99 -17.18
C VAL G 130 6.63 -34.70 -17.16
N THR G 131 6.87 -33.90 -16.15
CA THR G 131 6.22 -32.61 -16.05
C THR G 131 7.16 -31.53 -16.55
N SER G 132 6.65 -30.63 -17.38
CA SER G 132 7.44 -29.53 -17.93
C SER G 132 7.75 -28.48 -16.87
N LEU G 133 8.71 -27.63 -17.16
CA LEU G 133 9.12 -26.58 -16.24
C LEU G 133 8.31 -25.29 -16.26
N SER G 134 7.38 -25.15 -17.17
CA SER G 134 6.64 -23.90 -17.27
C SER G 134 5.25 -24.09 -17.86
N GLU G 135 4.39 -23.10 -17.71
CA GLU G 135 3.06 -23.20 -18.26
C GLU G 135 3.15 -23.18 -19.78
N PRO G 136 2.41 -24.02 -20.52
CA PRO G 136 2.33 -23.96 -21.96
C PRO G 136 1.68 -22.66 -22.34
N ILE G 137 2.12 -22.05 -23.40
CA ILE G 137 1.51 -20.84 -23.87
C ILE G 137 0.92 -21.14 -25.24
N PRO G 138 -0.33 -20.79 -25.51
CA PRO G 138 -0.98 -20.93 -26.79
C PRO G 138 -0.31 -20.13 -27.86
N ARG G 139 -0.46 -20.57 -29.08
CA ARG G 139 0.01 -19.82 -30.24
C ARG G 139 -1.20 -19.33 -30.98
N SER G 140 -2.25 -20.09 -30.91
CA SER G 140 -3.42 -19.63 -31.62
C SER G 140 -4.64 -20.16 -30.93
N CYS G 141 -5.78 -19.49 -31.13
CA CYS G 141 -7.10 -19.91 -30.66
C CYS G 141 -8.11 -19.72 -31.76
N ARG G 142 -8.99 -20.69 -31.88
CA ARG G 142 -10.04 -20.66 -32.86
C ARG G 142 -11.32 -21.23 -32.31
N GLY G 143 -12.42 -20.58 -32.57
CA GLY G 143 -13.65 -21.17 -32.12
C GLY G 143 -13.64 -21.32 -30.62
N GLY G 144 -13.90 -22.53 -30.16
CA GLY G 144 -13.94 -22.85 -28.74
C GLY G 144 -12.69 -23.53 -28.20
N ARG G 145 -11.62 -23.56 -28.98
CA ARG G 145 -10.39 -24.25 -28.54
C ARG G 145 -9.12 -23.45 -28.80
N CYS G 146 -8.09 -23.66 -27.93
CA CYS G 146 -6.75 -23.11 -28.13
C CYS G 146 -5.77 -24.24 -28.47
N TYR G 147 -4.78 -23.83 -29.25
CA TYR G 147 -3.73 -24.67 -29.75
C TYR G 147 -2.45 -24.30 -29.04
N SER G 148 -1.93 -25.26 -28.29
CA SER G 148 -0.76 -25.04 -27.45
C SER G 148 0.47 -24.89 -28.28
N GLY G 149 1.41 -24.06 -27.85
CA GLY G 149 2.68 -24.05 -28.53
C GLY G 149 3.45 -25.21 -27.94
N PRO G 150 4.70 -25.40 -28.29
CA PRO G 150 5.52 -26.47 -27.83
C PRO G 150 5.61 -26.42 -26.35
N PHE G 151 5.68 -27.57 -25.73
CA PHE G 151 5.82 -27.64 -24.30
C PHE G 151 7.24 -27.22 -24.01
N ASP G 152 7.49 -26.67 -22.84
CA ASP G 152 8.85 -26.27 -22.52
C ASP G 152 9.64 -27.47 -22.07
N ALA G 153 10.90 -27.25 -21.75
CA ALA G 153 11.79 -28.30 -21.35
C ALA G 153 11.22 -29.13 -20.25
N PHE G 154 11.39 -30.42 -20.42
CA PHE G 154 10.94 -31.42 -19.48
C PHE G 154 11.78 -31.30 -18.22
N GLY G 155 11.13 -31.32 -17.07
CA GLY G 155 11.75 -31.16 -15.77
C GLY G 155 11.66 -32.36 -14.83
N VAL G 156 10.47 -32.60 -14.31
CA VAL G 156 10.33 -33.64 -13.30
C VAL G 156 9.93 -34.96 -13.89
N TRP G 157 10.87 -35.88 -13.87
CA TRP G 157 10.68 -37.19 -14.48
C TRP G 157 10.17 -38.20 -13.50
N GLY G 158 9.35 -39.12 -13.98
CA GLY G 158 8.89 -40.26 -13.20
C GLY G 158 9.92 -41.37 -13.38
N GLN G 159 9.58 -42.61 -13.02
CA GLN G 159 10.57 -43.67 -13.15
C GLN G 159 10.30 -44.57 -14.34
N GLY G 160 9.03 -44.87 -14.56
CA GLY G 160 8.65 -45.70 -15.68
C GLY G 160 8.39 -47.15 -15.44
N THR G 161 7.55 -47.66 -16.31
CA THR G 161 7.11 -49.03 -16.36
C THR G 161 7.44 -49.75 -17.63
N LEU G 162 8.00 -50.94 -17.51
CA LEU G 162 8.28 -51.66 -18.71
C LEU G 162 7.04 -52.35 -19.21
N VAL G 163 6.75 -52.07 -20.46
CA VAL G 163 5.66 -52.68 -21.13
C VAL G 163 6.21 -53.49 -22.27
N THR G 164 5.89 -54.77 -22.29
CA THR G 164 6.34 -55.62 -23.37
C THR G 164 5.08 -56.05 -24.08
N VAL G 165 5.19 -56.49 -25.34
CA VAL G 165 4.06 -56.93 -26.16
C VAL G 165 4.51 -58.18 -26.93
N TYR H 1 -16.57 25.57 -4.85
CA TYR H 1 -15.97 25.26 -6.14
C TYR H 1 -15.95 26.47 -7.10
N GLN H 2 -14.80 27.18 -7.14
CA GLN H 2 -14.52 28.30 -8.05
C GLN H 2 -13.26 27.97 -8.81
N VAL H 3 -13.10 28.57 -9.98
CA VAL H 3 -11.93 28.26 -10.76
C VAL H 3 -11.11 29.47 -11.08
N ARG H 4 -9.84 29.40 -10.77
CA ARG H 4 -8.92 30.47 -11.01
C ARG H 4 -8.26 30.23 -12.36
N ASN H 5 -8.21 31.26 -13.26
CA ASN H 5 -7.60 31.18 -14.60
C ASN H 5 -6.05 31.10 -14.55
N SER H 6 -5.43 31.76 -13.54
CA SER H 6 -4.00 31.78 -13.26
C SER H 6 -3.06 32.09 -14.44
N THR H 7 -2.24 31.11 -14.79
CA THR H 7 -1.21 31.20 -15.82
C THR H 7 -1.64 30.61 -17.14
N GLY H 8 -2.90 30.26 -17.27
CA GLY H 8 -3.39 29.64 -18.47
C GLY H 8 -3.75 28.21 -18.17
N LEU H 9 -3.42 27.82 -16.98
CA LEU H 9 -3.70 26.51 -16.46
C LEU H 9 -4.76 26.75 -15.41
N TYR H 10 -5.95 26.18 -15.57
CA TYR H 10 -7.02 26.49 -14.65
C TYR H 10 -6.91 25.66 -13.40
N HIS H 11 -7.25 26.20 -12.25
CA HIS H 11 -7.24 25.35 -11.07
C HIS H 11 -8.31 25.65 -10.06
N VAL H 12 -8.59 24.66 -9.24
CA VAL H 12 -9.58 24.76 -8.20
C VAL H 12 -9.17 25.72 -7.10
N THR H 13 -10.11 26.54 -6.69
CA THR H 13 -9.93 27.47 -5.61
C THR H 13 -11.21 27.74 -4.84
N ASN H 14 -11.05 28.29 -3.65
CA ASN H 14 -12.17 28.74 -2.82
C ASN H 14 -12.26 30.26 -2.80
N ASP H 15 -11.48 30.91 -3.62
CA ASP H 15 -11.42 32.37 -3.64
C ASP H 15 -12.57 32.98 -4.47
N CYS H 16 -13.37 33.92 -3.88
CA CYS H 16 -14.54 34.52 -4.55
C CYS H 16 -14.17 35.38 -5.77
N PRO H 17 -14.77 35.12 -6.96
CA PRO H 17 -14.65 35.89 -8.16
C PRO H 17 -15.51 37.13 -7.97
N ASN H 18 -15.31 38.18 -8.75
CA ASN H 18 -16.10 39.41 -8.55
C ASN H 18 -17.60 39.16 -8.83
N SER H 19 -17.94 38.24 -9.74
CA SER H 19 -19.32 37.92 -10.10
C SER H 19 -20.15 37.40 -8.93
N SER H 20 -19.49 37.02 -7.85
CA SER H 20 -20.16 36.50 -6.67
C SER H 20 -20.28 37.53 -5.56
N ILE H 21 -19.81 38.74 -5.81
CA ILE H 21 -19.76 39.75 -4.76
C ILE H 21 -20.86 40.80 -4.69
N VAL H 22 -21.37 40.88 -3.48
CA VAL H 22 -22.38 41.78 -2.96
C VAL H 22 -21.65 42.43 -1.80
N TYR H 23 -21.91 43.68 -1.49
CA TYR H 23 -21.07 44.21 -0.42
C TYR H 23 -21.67 45.33 0.37
N GLU H 24 -21.04 45.55 1.51
CA GLU H 24 -21.29 46.69 2.35
C GLU H 24 -19.95 47.40 2.46
N THR H 25 -20.01 48.72 2.50
CA THR H 25 -18.78 49.48 2.56
C THR H 25 -18.17 49.48 3.95
N ALA H 26 -18.94 49.01 4.92
CA ALA H 26 -18.48 48.92 6.30
C ALA H 26 -17.72 47.63 6.51
N ASP H 27 -16.65 47.48 5.76
CA ASP H 27 -15.79 46.32 5.81
C ASP H 27 -16.48 44.98 5.73
N ALA H 28 -17.43 44.77 4.82
CA ALA H 28 -18.00 43.43 4.81
C ALA H 28 -18.31 42.99 3.41
N ILE H 29 -17.99 41.76 3.15
CA ILE H 29 -18.26 41.22 1.84
C ILE H 29 -19.29 40.16 1.96
N LEU H 30 -20.33 40.32 1.17
CA LEU H 30 -21.47 39.45 1.13
C LEU H 30 -21.33 38.66 -0.14
N HIS H 31 -21.59 37.40 -0.13
CA HIS H 31 -21.37 36.70 -1.37
C HIS H 31 -22.15 35.43 -1.56
N THR H 32 -22.14 34.98 -2.80
CA THR H 32 -22.73 33.71 -3.13
C THR H 32 -22.07 32.69 -2.22
N PRO H 33 -22.80 31.84 -1.52
CA PRO H 33 -22.25 30.88 -0.60
C PRO H 33 -21.36 29.95 -1.36
N GLY H 34 -20.34 29.43 -0.69
CA GLY H 34 -19.39 28.52 -1.32
C GLY H 34 -17.99 29.08 -1.66
N CYS H 35 -17.62 30.31 -1.20
CA CYS H 35 -16.31 30.94 -1.45
C CYS H 35 -15.95 31.85 -0.29
N VAL H 36 -14.69 32.28 -0.23
CA VAL H 36 -14.28 33.26 0.76
C VAL H 36 -13.58 34.43 0.06
N PRO H 37 -13.99 35.67 0.25
CA PRO H 37 -13.34 36.82 -0.33
C PRO H 37 -11.90 37.01 0.12
N CYS H 38 -11.01 37.24 -0.85
CA CYS H 38 -9.60 37.57 -0.71
C CYS H 38 -9.45 39.05 -1.00
N VAL H 39 -8.77 39.70 -0.04
CA VAL H 39 -8.49 41.14 -0.26
C VAL H 39 -6.98 41.40 -0.28
N ARG H 40 -6.45 41.84 -1.42
CA ARG H 40 -5.02 42.24 -1.43
C ARG H 40 -4.98 43.66 -0.85
N GLU H 41 -4.79 43.85 0.45
CA GLU H 41 -4.85 45.27 0.94
C GLU H 41 -3.65 46.03 0.36
N GLY H 42 -3.80 46.86 -0.72
CA GLY H 42 -2.54 47.39 -1.27
C GLY H 42 -2.05 46.04 -1.75
N ASN H 43 -0.74 45.77 -1.61
CA ASN H 43 -0.16 44.56 -2.25
C ASN H 43 -0.43 43.31 -1.42
N ALA H 44 -0.26 43.37 -0.11
CA ALA H 44 -0.42 42.15 0.70
C ALA H 44 -1.68 41.41 0.22
N SER H 45 -1.58 40.11 -0.05
CA SER H 45 -2.83 39.40 -0.38
C SER H 45 -3.36 38.88 0.95
N ARG H 46 -4.38 39.48 1.55
CA ARG H 46 -4.80 39.01 2.89
C ARG H 46 -6.20 38.39 2.77
N CYS H 47 -6.40 37.18 3.29
CA CYS H 47 -7.77 36.62 3.08
C CYS H 47 -8.72 37.02 4.21
N TRP H 48 -9.93 37.52 3.88
CA TRP H 48 -10.92 37.84 4.89
C TRP H 48 -11.50 36.58 5.50
N VAL H 49 -12.03 36.70 6.69
CA VAL H 49 -12.55 35.55 7.42
C VAL H 49 -14.08 35.55 7.53
N PRO H 50 -14.74 34.43 7.20
CA PRO H 50 -16.16 34.25 7.30
C PRO H 50 -16.66 34.43 8.71
N MET H 51 -17.84 35.00 8.79
CA MET H 51 -18.56 35.22 10.03
C MET H 51 -19.81 34.40 9.87
N THR H 52 -20.27 34.36 8.62
CA THR H 52 -21.48 33.60 8.30
C THR H 52 -21.09 32.87 7.04
N PRO H 53 -21.82 31.87 6.55
CA PRO H 53 -21.53 31.16 5.32
C PRO H 53 -21.45 32.05 4.08
N THR H 54 -22.06 33.24 4.15
CA THR H 54 -22.08 34.18 3.04
C THR H 54 -21.43 35.51 3.34
N VAL H 55 -20.86 35.69 4.53
CA VAL H 55 -20.31 37.01 4.87
C VAL H 55 -18.95 36.93 5.52
N ALA H 56 -18.04 37.80 5.09
CA ALA H 56 -16.70 37.84 5.70
C ALA H 56 -16.26 39.26 5.99
N THR H 57 -15.39 39.38 6.99
CA THR H 57 -14.79 40.68 7.31
C THR H 57 -13.31 40.52 7.50
N ARG H 58 -12.65 41.60 7.82
CA ARG H 58 -11.23 41.59 7.97
C ARG H 58 -10.71 40.74 9.13
N ASP H 59 -11.39 40.76 10.27
CA ASP H 59 -10.89 40.09 11.45
C ASP H 59 -11.85 39.18 12.25
N GLY H 60 -13.05 38.96 11.75
CA GLY H 60 -14.01 38.11 12.43
C GLY H 60 -14.60 38.75 13.70
N LYS H 61 -14.62 40.08 13.79
CA LYS H 61 -15.12 40.71 15.01
C LYS H 61 -16.56 41.17 15.02
N LEU H 62 -17.32 40.74 14.03
CA LEU H 62 -18.74 41.06 13.91
C LEU H 62 -19.04 42.56 13.99
N PRO H 63 -18.61 43.37 13.00
CA PRO H 63 -18.79 44.80 12.97
C PRO H 63 -20.26 45.16 12.97
N ALA H 64 -20.60 46.29 13.59
CA ALA H 64 -21.97 46.77 13.63
C ALA H 64 -22.39 47.30 12.25
N THR H 65 -23.70 47.19 11.91
CA THR H 65 -24.31 47.70 10.67
C THR H 65 -24.08 49.23 10.54
N SER H 103 -23.89 51.77 -7.39
CA SER H 103 -22.87 51.89 -6.31
C SER H 103 -21.58 51.19 -6.74
N PRO H 104 -20.40 51.88 -6.71
CA PRO H 104 -19.13 51.24 -7.05
C PRO H 104 -18.65 50.30 -5.94
N ARG H 105 -18.04 49.17 -6.31
CA ARG H 105 -17.51 48.21 -5.31
C ARG H 105 -16.25 48.80 -4.68
N ARG H 106 -16.12 48.70 -3.35
CA ARG H 106 -14.94 49.28 -2.65
C ARG H 106 -14.27 48.20 -1.79
N HIS H 107 -13.59 47.23 -2.42
CA HIS H 107 -13.01 46.12 -1.64
C HIS H 107 -11.71 45.56 -2.24
N TRP H 108 -11.39 45.85 -3.51
CA TRP H 108 -10.17 45.22 -4.12
C TRP H 108 -10.13 43.71 -3.88
N THR H 109 -11.16 42.98 -4.30
CA THR H 109 -11.05 41.56 -4.19
C THR H 109 -10.28 41.00 -5.34
N THR H 110 -9.84 39.77 -5.17
CA THR H 110 -9.07 39.08 -6.19
C THR H 110 -9.07 37.57 -6.08
N GLN H 111 -8.89 36.88 -7.18
CA GLN H 111 -8.72 35.45 -7.03
C GLN H 111 -7.26 35.15 -6.86
N ASP H 112 -6.89 35.26 -5.61
CA ASP H 112 -5.58 35.13 -5.00
C ASP H 112 -5.89 34.59 -3.63
N CYS H 113 -4.86 34.35 -2.78
CA CYS H 113 -4.92 33.81 -1.40
C CYS H 113 -4.97 32.28 -1.28
N ASN H 114 -5.69 31.56 -2.14
CA ASN H 114 -5.84 30.11 -1.94
C ASN H 114 -6.43 29.79 -0.54
N CYS H 115 -7.52 30.52 -0.18
CA CYS H 115 -8.17 30.46 1.11
C CYS H 115 -8.73 29.14 1.55
N SER H 116 -8.27 28.73 2.71
CA SER H 116 -8.70 27.51 3.33
C SER H 116 -8.67 26.34 2.40
N ILE H 117 -7.67 26.26 1.53
CA ILE H 117 -7.63 25.11 0.67
C ILE H 117 -6.92 24.04 1.41
N TYR H 118 -5.94 24.42 2.20
CA TYR H 118 -5.16 23.47 2.95
C TYR H 118 -5.19 23.70 4.45
N PRO H 119 -6.28 23.37 5.14
CA PRO H 119 -6.47 23.52 6.56
C PRO H 119 -5.68 22.40 7.21
N GLY H 120 -5.55 22.42 8.51
CA GLY H 120 -4.87 21.32 9.13
C GLY H 120 -5.82 20.12 9.18
N HIS H 121 -5.32 19.01 9.68
CA HIS H 121 -6.08 17.78 9.74
C HIS H 121 -7.30 17.86 10.61
N VAL H 122 -8.39 17.30 10.11
CA VAL H 122 -9.58 17.25 10.89
C VAL H 122 -9.63 15.93 11.62
N THR H 123 -9.50 16.03 12.92
CA THR H 123 -9.48 14.93 13.84
C THR H 123 -10.90 14.43 14.05
N GLY H 124 -11.12 13.11 14.09
CA GLY H 124 -12.48 12.60 14.27
C GLY H 124 -13.10 13.16 15.53
N HIS H 125 -12.32 13.18 16.61
CA HIS H 125 -12.79 13.77 17.84
C HIS H 125 -13.15 15.22 17.67
N ARG H 126 -12.29 15.99 17.01
CA ARG H 126 -12.58 17.40 16.82
C ARG H 126 -13.86 17.64 16.10
N MET H 127 -14.13 16.87 15.07
CA MET H 127 -15.36 17.09 14.37
C MET H 127 -16.52 16.85 15.29
N ALA H 128 -16.48 15.76 16.04
CA ALA H 128 -17.59 15.48 16.93
C ALA H 128 -17.75 16.57 17.96
N TRP H 129 -16.64 17.10 18.43
CA TRP H 129 -16.65 18.10 19.47
C TRP H 129 -17.33 19.35 18.96
N ASP H 130 -16.99 19.77 17.75
CA ASP H 130 -17.63 20.96 17.23
C ASP H 130 -19.09 20.71 16.93
N MET H 131 -19.45 19.53 16.46
CA MET H 131 -20.85 19.32 16.19
C MET H 131 -21.72 19.22 17.43
N MET H 132 -21.15 18.79 18.55
CA MET H 132 -21.95 18.64 19.73
C MET H 132 -21.91 19.89 20.61
N MET H 133 -20.72 20.46 20.79
CA MET H 133 -20.51 21.63 21.65
C MET H 133 -20.58 23.00 21.00
N ASN H 134 -19.75 23.21 20.00
CA ASN H 134 -19.69 24.57 19.41
C ASN H 134 -20.85 24.91 18.49
N TRP H 135 -21.34 23.93 17.80
CA TRP H 135 -22.44 24.10 16.90
C TRP H 135 -23.75 24.27 17.64
N SER H 136 -24.65 25.15 17.14
CA SER H 136 -25.89 25.43 17.95
C SER H 136 -27.02 26.30 17.35
N PRO H 137 -28.13 25.77 16.76
CA PRO H 137 -29.32 26.60 16.43
C PRO H 137 -30.43 26.47 17.50
N THR H 138 -31.27 27.50 17.74
CA THR H 138 -32.30 27.46 18.82
C THR H 138 -33.47 28.44 18.58
N THR H 139 -34.51 28.43 19.45
CA THR H 139 -35.65 29.38 19.34
C THR H 139 -35.86 30.00 20.72
N ALA H 140 -35.90 29.18 21.78
CA ALA H 140 -35.90 29.68 23.13
C ALA H 140 -34.84 30.74 23.31
N LEU H 141 -33.70 30.61 22.60
CA LEU H 141 -32.64 31.59 22.73
C LEU H 141 -33.06 32.84 22.06
N VAL H 142 -33.70 32.67 20.92
CA VAL H 142 -34.12 33.83 20.18
C VAL H 142 -35.09 34.64 21.02
N VAL H 143 -36.03 33.97 21.65
CA VAL H 143 -36.98 34.68 22.49
C VAL H 143 -36.30 35.31 23.68
N ALA H 144 -35.41 34.59 24.35
CA ALA H 144 -34.76 35.19 25.49
C ALA H 144 -34.03 36.45 25.07
N GLN H 145 -33.42 36.44 23.88
CA GLN H 145 -32.74 37.62 23.41
C GLN H 145 -33.73 38.75 23.11
N LEU H 146 -34.87 38.43 22.50
CA LEU H 146 -35.84 39.46 22.16
C LEU H 146 -36.39 40.16 23.38
N LEU H 147 -36.60 39.41 24.43
CA LEU H 147 -37.18 39.93 25.65
C LEU H 147 -36.21 40.78 26.45
N ARG H 148 -34.94 40.79 26.04
CA ARG H 148 -33.92 41.53 26.72
C ARG H 148 -33.42 42.71 25.90
N ILE H 149 -34.08 43.02 24.78
CA ILE H 149 -33.62 44.14 23.98
C ILE H 149 -34.00 45.44 24.70
N PRO H 150 -33.04 46.35 24.99
CA PRO H 150 -33.23 47.62 25.70
C PRO H 150 -34.03 48.62 24.89
N GLN H 151 -34.16 48.35 23.62
CA GLN H 151 -34.85 49.18 22.63
C GLN H 151 -34.16 50.49 22.40
N ALA H 152 -32.87 50.54 22.68
CA ALA H 152 -32.07 51.70 22.39
C ALA H 152 -31.67 51.59 20.94
N ILE H 153 -32.64 51.72 20.07
CA ILE H 153 -32.36 51.49 18.69
C ILE H 153 -31.89 52.79 18.13
N LEU H 154 -30.58 52.95 18.16
CA LEU H 154 -29.98 54.19 17.74
C LEU H 154 -29.64 54.25 16.23
N ASP H 155 -29.49 53.08 15.54
CA ASP H 155 -29.17 52.97 14.11
C ASP H 155 -30.41 53.35 13.27
#